data_3TJ7
#
_entry.id   3TJ7
#
_cell.length_a   67.229
_cell.length_b   86.315
_cell.length_c   76.438
_cell.angle_alpha   90.000
_cell.angle_beta   102.020
_cell.angle_gamma   90.000
#
_symmetry.space_group_name_H-M   'P 1 21 1'
#
loop_
_entity.id
_entity.type
_entity.pdbx_description
1 polymer 'GBAA_1210 protein'
2 non-polymer 'ADENOSINE MONOPHOSPHATE'
3 non-polymer 'SULFATE ION'
4 non-polymer 'ACETATE ION'
5 water water
#
_entity_poly.entity_id   1
_entity_poly.type   'polypeptide(L)'
_entity_poly.pdbx_seq_one_letter_code
;SNA(MSE)TQEIEIEFKNIVTEEEFHALCKSFSIEVFTKQVNHYFETPNSSLKEAGSALRIRHKGETYTLTLKQPAEVGL
LETHQVVTENEAK(MSE)(MSE)(MSE)ETNVIISGAV(MSE)NQLCKLQIPVSALTY(MSE)GSLTTERAETLFEGGTL
VFDHSFYYNHDDYEIEFEVQDEETGKAAFIHLLKQHNIPIRHTNNKVKRFFLAKQNKAR
;
_entity_poly.pdbx_strand_id   A,B,C,D
#
# COMPACT_ATOMS: atom_id res chain seq x y z
N ALA A 3 17.53 -11.32 49.91
CA ALA A 3 18.19 -11.68 48.63
C ALA A 3 17.51 -12.91 48.01
N THR A 5 14.17 -15.86 48.55
CA THR A 5 12.98 -16.26 49.26
C THR A 5 12.28 -17.40 48.47
N GLN A 6 11.56 -18.25 49.21
CA GLN A 6 10.68 -19.20 48.60
C GLN A 6 9.35 -19.05 49.28
N GLU A 7 8.28 -19.31 48.53
CA GLU A 7 6.98 -19.36 49.11
C GLU A 7 6.07 -20.20 48.26
N ILE A 8 5.01 -20.70 48.88
CA ILE A 8 4.05 -21.52 48.17
C ILE A 8 2.95 -20.50 47.92
N GLU A 9 2.46 -20.42 46.69
CA GLU A 9 1.41 -19.45 46.37
CA GLU A 9 1.36 -19.51 46.46
C GLU A 9 0.35 -20.09 45.48
N ILE A 10 -0.87 -19.65 45.70
CA ILE A 10 -2.01 -20.08 44.94
C ILE A 10 -2.56 -18.84 44.25
N GLU A 11 -2.68 -18.90 42.95
CA GLU A 11 -3.15 -17.81 42.15
C GLU A 11 -4.44 -18.01 41.43
N PHE A 12 -5.36 -17.04 41.56
CA PHE A 12 -6.54 -17.02 40.72
C PHE A 12 -6.43 -15.84 39.82
N LYS A 13 -6.95 -15.96 38.60
CA LYS A 13 -6.85 -14.92 37.60
C LYS A 13 -8.13 -14.85 36.80
N ASN A 14 -8.50 -13.62 36.44
CA ASN A 14 -9.64 -13.39 35.63
C ASN A 14 -9.39 -12.28 34.64
N ILE A 15 -9.76 -12.52 33.39
CA ILE A 15 -9.63 -11.50 32.34
C ILE A 15 -10.80 -10.57 32.45
N VAL A 16 -10.55 -9.28 32.34
CA VAL A 16 -11.62 -8.26 32.45
C VAL A 16 -11.56 -7.21 31.35
N THR A 17 -12.67 -6.53 31.08
CA THR A 17 -12.68 -5.49 30.08
C THR A 17 -12.09 -4.27 30.72
N GLU A 18 -11.78 -3.28 29.92
CA GLU A 18 -11.18 -2.03 30.41
C GLU A 18 -12.11 -1.34 31.37
N GLU A 19 -13.38 -1.44 31.03
CA GLU A 19 -14.42 -0.76 31.78
C GLU A 19 -14.55 -1.41 33.15
N GLU A 20 -14.66 -2.74 33.16
CA GLU A 20 -14.62 -3.48 34.41
C GLU A 20 -13.35 -3.15 35.22
N PHE A 21 -12.20 -3.20 34.56
CA PHE A 21 -10.94 -2.89 35.23
C PHE A 21 -11.03 -1.52 35.92
N HIS A 22 -11.46 -0.49 35.18
CA HIS A 22 -11.50 0.86 35.77
C HIS A 22 -12.43 0.93 36.96
N ALA A 23 -13.57 0.28 36.83
CA ALA A 23 -14.57 0.23 37.89
C ALA A 23 -14.01 -0.45 39.14
N LEU A 24 -13.37 -1.61 38.96
CA LEU A 24 -12.74 -2.29 40.08
C LEU A 24 -11.60 -1.48 40.71
N CYS A 25 -10.84 -0.78 39.90
CA CYS A 25 -9.79 0.09 40.43
C CYS A 25 -10.37 1.16 41.30
N LYS A 26 -11.45 1.75 40.81
CA LYS A 26 -12.10 2.83 41.54
C LYS A 26 -12.64 2.31 42.87
N SER A 27 -13.20 1.09 42.90
CA SER A 27 -13.66 0.51 44.17
C SER A 27 -12.59 0.31 45.24
N PHE A 28 -11.33 0.29 44.85
CA PHE A 28 -10.24 0.04 45.76
C PHE A 28 -9.23 1.21 45.83
N SER A 29 -9.62 2.35 45.29
CA SER A 29 -8.78 3.56 45.30
C SER A 29 -7.42 3.37 44.63
N ILE A 30 -7.37 2.49 43.62
CA ILE A 30 -6.17 2.25 42.86
C ILE A 30 -6.07 3.28 41.82
N GLU A 31 -5.04 4.13 41.90
CA GLU A 31 -4.77 5.13 40.90
C GLU A 31 -3.35 5.05 40.30
N VAL A 32 -2.37 4.59 41.05
CA VAL A 32 -1.01 4.58 40.57
C VAL A 32 -0.55 3.17 40.31
N PHE A 33 0.11 3.03 39.17
CA PHE A 33 0.57 1.76 38.65
C PHE A 33 2.06 1.80 38.49
N THR A 34 2.70 0.66 38.68
CA THR A 34 4.11 0.57 38.62
C THR A 34 4.49 -0.33 37.48
N LYS A 35 5.44 0.14 36.69
CA LYS A 35 5.90 -0.64 35.55
C LYS A 35 6.81 -1.79 35.93
N GLN A 36 6.64 -2.90 35.24
CA GLN A 36 7.53 -3.99 35.38
C GLN A 36 7.68 -4.67 34.05
N VAL A 37 8.86 -5.24 33.86
CA VAL A 37 9.16 -5.94 32.65
C VAL A 37 9.59 -7.32 33.01
N ASN A 38 8.98 -8.31 32.38
CA ASN A 38 9.33 -9.68 32.59
C ASN A 38 10.08 -10.27 31.37
N HIS A 39 11.27 -10.80 31.63
CA HIS A 39 12.20 -11.35 30.66
C HIS A 39 12.17 -12.87 30.84
N TYR A 40 11.60 -13.59 29.87
CA TYR A 40 11.30 -15.00 30.08
C TYR A 40 12.22 -15.93 29.32
N PHE A 41 12.40 -17.13 29.91
CA PHE A 41 13.34 -18.11 29.40
C PHE A 41 12.66 -19.42 29.14
N GLU A 42 13.16 -20.19 28.19
CA GLU A 42 12.62 -21.51 27.92
C GLU A 42 13.66 -22.24 27.12
N THR A 43 13.48 -23.55 26.98
CA THR A 43 14.33 -24.34 26.10
C THR A 43 13.65 -24.51 24.75
N PRO A 44 14.43 -24.81 23.69
CA PRO A 44 13.86 -25.05 22.38
C PRO A 44 12.81 -26.17 22.43
N ASN A 45 13.00 -27.15 23.32
CA ASN A 45 12.00 -28.24 23.53
C ASN A 45 10.83 -27.91 24.45
N SER A 46 10.77 -26.67 24.93
CA SER A 46 9.74 -26.28 25.89
C SER A 46 9.77 -27.10 27.19
N SER A 47 10.95 -27.34 27.72
CA SER A 47 11.08 -28.17 28.95
C SER A 47 10.30 -27.61 30.13
N LEU A 48 10.34 -26.30 30.30
CA LEU A 48 9.70 -25.71 31.46
C LEU A 48 8.21 -25.79 31.38
N LYS A 49 7.65 -25.46 30.23
CA LYS A 49 6.21 -25.63 30.04
C LYS A 49 5.78 -27.08 30.29
N GLU A 50 6.56 -28.03 29.80
CA GLU A 50 6.27 -29.44 30.02
C GLU A 50 6.22 -29.82 31.57
N ALA A 51 6.93 -29.06 32.41
CA ALA A 51 7.01 -29.30 33.85
C ALA A 51 6.11 -28.30 34.58
N GLY A 52 5.15 -27.73 33.87
CA GLY A 52 4.23 -26.76 34.49
C GLY A 52 4.94 -25.58 35.14
N SER A 53 6.12 -25.24 34.63
CA SER A 53 6.97 -24.27 35.30
C SER A 53 7.25 -23.06 34.44
N ALA A 54 7.79 -22.01 35.04
CA ALA A 54 8.09 -20.72 34.32
C ALA A 54 9.33 -20.05 34.96
N LEU A 55 10.20 -19.47 34.15
CA LEU A 55 11.46 -18.83 34.60
C LEU A 55 11.57 -17.49 33.94
N ARG A 56 11.80 -16.48 34.76
CA ARG A 56 11.86 -15.12 34.28
CA ARG A 56 11.79 -15.09 34.34
C ARG A 56 12.75 -14.28 35.16
N ILE A 57 13.20 -13.19 34.58
CA ILE A 57 13.85 -12.18 35.34
C ILE A 57 12.89 -11.03 35.28
N ARG A 58 12.44 -10.62 36.42
CA ARG A 58 11.60 -9.44 36.54
CA ARG A 58 11.60 -9.44 36.54
C ARG A 58 12.42 -8.20 36.83
N HIS A 59 12.27 -7.15 36.03
CA HIS A 59 12.88 -5.87 36.32
C HIS A 59 11.79 -4.89 36.69
N LYS A 60 11.83 -4.46 37.94
CA LYS A 60 10.84 -3.57 38.53
C LYS A 60 11.61 -2.55 39.39
N GLY A 61 11.35 -1.27 39.17
CA GLY A 61 12.16 -0.20 39.70
C GLY A 61 13.65 -0.50 39.57
N GLU A 62 14.34 -0.55 40.72
CA GLU A 62 15.77 -0.78 40.80
C GLU A 62 16.17 -2.24 40.92
N THR A 63 15.20 -3.15 41.00
CA THR A 63 15.46 -4.55 41.28
C THR A 63 15.32 -5.43 40.07
N TYR A 64 16.25 -6.37 39.92
CA TYR A 64 16.10 -7.56 39.12
C TYR A 64 15.98 -8.79 40.00
N THR A 65 14.95 -9.59 39.70
CA THR A 65 14.69 -10.78 40.44
C THR A 65 14.54 -11.96 39.49
N LEU A 66 15.39 -12.96 39.69
CA LEU A 66 15.26 -14.19 38.98
C LEU A 66 14.27 -15.07 39.70
N THR A 67 13.19 -15.43 39.03
CA THR A 67 12.13 -16.14 39.63
C THR A 67 11.76 -17.41 38.90
N LEU A 68 11.67 -18.51 39.64
CA LEU A 68 11.18 -19.78 39.11
C LEU A 68 9.84 -20.08 39.72
N LYS A 69 8.85 -20.44 38.91
CA LYS A 69 7.59 -21.00 39.44
C LYS A 69 7.45 -22.45 38.99
N GLN A 70 7.20 -23.35 39.94
CA GLN A 70 6.99 -24.77 39.62
C GLN A 70 5.76 -25.34 40.36
N PRO A 71 5.25 -26.47 39.93
CA PRO A 71 4.15 -27.13 40.66
C PRO A 71 4.47 -27.50 42.14
N ALA A 72 3.51 -27.23 43.01
CA ALA A 72 3.45 -27.66 44.41
C ALA A 72 2.26 -28.64 44.45
N GLU A 73 1.90 -29.17 45.63
CA GLU A 73 0.81 -30.15 45.71
C GLU A 73 -0.45 -29.45 45.38
N VAL A 74 -0.65 -28.24 45.93
CA VAL A 74 -1.55 -27.28 45.29
C VAL A 74 -0.89 -25.90 45.06
N GLY A 75 -1.30 -25.24 43.98
CA GLY A 75 -0.67 -24.01 43.51
C GLY A 75 0.79 -24.22 43.13
N LEU A 76 1.63 -23.23 43.42
CA LEU A 76 3.02 -23.21 42.95
C LEU A 76 4.02 -22.96 44.05
N LEU A 77 5.19 -23.56 43.88
CA LEU A 77 6.35 -23.21 44.65
C LEU A 77 7.16 -22.18 43.87
N GLU A 78 7.27 -20.98 44.45
CA GLU A 78 8.04 -19.90 43.87
C GLU A 78 9.40 -19.77 44.52
N THR A 79 10.43 -19.59 43.72
CA THR A 79 11.79 -19.35 44.21
C THR A 79 12.25 -18.05 43.59
N HIS A 80 12.58 -17.07 44.42
CA HIS A 80 13.04 -15.76 43.98
C HIS A 80 14.46 -15.49 44.41
N GLN A 81 15.27 -14.94 43.53
CA GLN A 81 16.66 -14.60 43.84
C GLN A 81 16.95 -13.24 43.24
N VAL A 82 17.27 -12.27 44.06
CA VAL A 82 17.61 -10.96 43.56
C VAL A 82 19.01 -11.02 42.93
N VAL A 83 19.19 -10.48 41.72
CA VAL A 83 20.46 -10.53 41.02
C VAL A 83 20.84 -9.10 40.66
N THR A 84 22.10 -8.90 40.34
CA THR A 84 22.55 -7.62 39.80
C THR A 84 22.12 -7.42 38.33
N GLU A 85 22.14 -6.17 37.92
CA GLU A 85 21.94 -5.79 36.55
C GLU A 85 22.89 -6.59 35.65
N ASN A 86 24.17 -6.59 36.01
CA ASN A 86 25.19 -7.36 35.24
C ASN A 86 24.89 -8.83 35.20
N GLU A 87 24.46 -9.38 36.33
CA GLU A 87 24.01 -10.79 36.30
C GLU A 87 22.82 -11.01 35.36
N ALA A 88 21.84 -10.14 35.46
CA ALA A 88 20.67 -10.28 34.58
C ALA A 88 21.03 -10.17 33.13
N LYS A 89 21.89 -9.21 32.79
CA LYS A 89 22.31 -9.01 31.40
C LYS A 89 23.06 -10.24 30.89
N GLU A 93 22.14 -12.39 27.64
CA GLU A 93 23.09 -12.48 26.52
C GLU A 93 23.72 -13.83 26.24
N THR A 94 23.92 -14.64 27.28
N THR A 94 23.90 -14.66 27.27
CA THR A 94 24.68 -15.87 27.17
CA THR A 94 24.58 -15.92 27.09
C THR A 94 23.87 -16.99 27.78
C THR A 94 23.68 -17.06 27.53
N ASN A 95 24.34 -18.23 27.66
N ASN A 95 22.51 -16.71 28.08
CA ASN A 95 23.61 -19.43 28.15
CA ASN A 95 21.53 -17.65 28.65
C ASN A 95 24.04 -19.91 29.56
C ASN A 95 22.08 -18.71 29.65
N VAL A 96 24.30 -18.95 30.44
N VAL A 96 23.24 -18.45 30.22
CA VAL A 96 24.61 -19.25 31.81
CA VAL A 96 23.79 -19.30 31.29
C VAL A 96 23.42 -18.78 32.65
C VAL A 96 23.26 -18.75 32.61
N ILE A 97 23.01 -19.61 33.61
CA ILE A 97 22.15 -19.22 34.73
C ILE A 97 23.02 -19.09 35.97
N ILE A 98 22.81 -18.03 36.72
CA ILE A 98 23.55 -17.79 37.92
C ILE A 98 23.36 -18.96 38.91
N SER A 99 24.34 -19.18 39.76
CA SER A 99 24.18 -20.18 40.79
C SER A 99 23.35 -19.66 42.01
N GLY A 100 22.89 -20.60 42.84
CA GLY A 100 22.05 -20.30 43.93
C GLY A 100 20.75 -21.11 43.87
N ALA A 101 19.75 -20.60 44.57
CA ALA A 101 18.52 -21.34 44.84
C ALA A 101 17.72 -21.69 43.59
N VAL A 102 17.70 -20.81 42.58
CA VAL A 102 16.89 -21.07 41.40
C VAL A 102 17.58 -22.20 40.61
N ASN A 104 19.40 -24.48 41.80
CA ASN A 104 19.28 -25.73 42.52
C ASN A 104 17.94 -26.41 42.25
N GLN A 105 16.87 -25.61 42.22
CA GLN A 105 15.52 -26.06 41.89
C GLN A 105 15.41 -26.54 40.47
N LEU A 106 15.99 -25.78 39.53
CA LEU A 106 15.99 -26.21 38.13
C LEU A 106 16.66 -27.58 37.96
N CYS A 107 17.74 -27.81 38.69
CA CYS A 107 18.42 -29.12 38.64
C CYS A 107 17.54 -30.25 39.23
N LYS A 108 16.83 -29.97 40.31
CA LYS A 108 15.91 -30.97 40.84
C LYS A 108 14.77 -31.26 39.88
N LEU A 109 14.33 -30.23 39.14
CA LEU A 109 13.33 -30.41 38.11
C LEU A 109 13.84 -31.22 36.94
N GLN A 110 15.16 -31.33 36.78
CA GLN A 110 15.78 -32.01 35.62
C GLN A 110 15.49 -31.22 34.32
N ILE A 111 15.82 -29.94 34.37
CA ILE A 111 15.69 -29.05 33.23
C ILE A 111 17.07 -29.02 32.64
N PRO A 112 17.17 -29.21 31.32
CA PRO A 112 18.50 -29.10 30.70
C PRO A 112 18.96 -27.64 30.80
N VAL A 113 19.56 -27.28 31.91
CA VAL A 113 19.85 -25.88 32.18
C VAL A 113 20.58 -25.15 31.06
N SER A 114 21.54 -25.82 30.44
CA SER A 114 22.40 -25.24 29.39
C SER A 114 21.65 -24.85 28.08
N ALA A 115 20.51 -25.50 27.86
CA ALA A 115 19.58 -25.23 26.75
C ALA A 115 18.66 -24.00 27.01
N LEU A 116 18.56 -23.56 28.24
CA LEU A 116 17.68 -22.43 28.56
C LEU A 116 18.13 -21.21 27.78
N THR A 117 17.21 -20.58 27.07
CA THR A 117 17.53 -19.40 26.31
C THR A 117 16.50 -18.31 26.63
N TYR A 118 16.97 -17.06 26.56
CA TYR A 118 16.14 -15.89 26.69
C TYR A 118 15.27 -15.74 25.46
N GLY A 120 11.98 -13.93 25.24
CA GLY A 120 11.25 -12.74 25.01
C GLY A 120 10.98 -11.88 26.24
N SER A 121 10.16 -10.85 26.08
CA SER A 121 9.87 -10.00 27.17
C SER A 121 8.54 -9.35 26.97
N LEU A 122 7.98 -8.83 28.07
CA LEU A 122 6.74 -8.06 28.01
C LEU A 122 6.58 -7.14 29.20
N THR A 123 5.84 -6.08 29.00
CA THR A 123 5.69 -5.01 29.96
C THR A 123 4.30 -5.09 30.59
N THR A 124 4.26 -4.86 31.91
CA THR A 124 3.05 -4.89 32.74
C THR A 124 3.05 -3.62 33.60
N GLU A 125 1.89 -3.00 33.67
CA GLU A 125 1.61 -1.90 34.56
C GLU A 125 0.75 -2.49 35.65
N ARG A 126 1.28 -2.48 36.87
CA ARG A 126 0.75 -3.25 37.97
C ARG A 126 0.44 -2.42 39.22
N ALA A 127 -0.66 -2.76 39.89
CA ALA A 127 -1.03 -2.20 41.24
C ALA A 127 -1.57 -3.34 42.08
N GLU A 128 -1.23 -3.34 43.36
CA GLU A 128 -1.58 -4.42 44.28
C GLU A 128 -2.33 -3.79 45.45
N THR A 129 -3.28 -4.52 46.00
CA THR A 129 -3.81 -4.17 47.32
C THR A 129 -4.02 -5.47 48.12
N LEU A 130 -3.91 -5.37 49.44
CA LEU A 130 -4.20 -6.47 50.37
C LEU A 130 -5.73 -6.57 50.58
N PHE A 131 -6.27 -7.77 50.41
CA PHE A 131 -7.71 -7.98 50.39
C PHE A 131 -8.03 -9.39 50.84
N GLU A 132 -8.90 -9.50 51.84
CA GLU A 132 -9.29 -10.82 52.38
C GLU A 132 -8.08 -11.69 52.76
N GLY A 133 -8.03 -12.94 52.31
CA GLY A 133 -6.85 -13.78 52.66
C GLY A 133 -5.51 -13.43 51.94
N GLY A 134 -5.50 -12.47 51.01
CA GLY A 134 -4.34 -12.30 50.13
C GLY A 134 -4.10 -10.98 49.44
N THR A 135 -3.48 -11.06 48.28
CA THR A 135 -3.06 -9.90 47.53
C THR A 135 -3.84 -9.87 46.23
N LEU A 136 -4.57 -8.79 46.07
CA LEU A 136 -5.32 -8.52 44.84
C LEU A 136 -4.46 -7.66 43.93
N VAL A 137 -4.23 -8.17 42.74
CA VAL A 137 -3.36 -7.55 41.76
C VAL A 137 -4.18 -7.10 40.53
N PHE A 138 -3.93 -5.88 40.15
CA PHE A 138 -4.48 -5.25 38.95
C PHE A 138 -3.42 -5.05 37.88
N ASP A 139 -3.50 -5.83 36.81
CA ASP A 139 -2.48 -5.81 35.77
C ASP A 139 -3.03 -5.34 34.45
N HIS A 140 -2.29 -4.45 33.79
CA HIS A 140 -2.53 -4.12 32.39
C HIS A 140 -1.27 -4.49 31.66
N SER A 141 -1.33 -5.52 30.84
CA SER A 141 -0.13 -6.02 30.15
C SER A 141 -0.16 -5.80 28.65
N PHE A 142 1.03 -5.55 28.09
CA PHE A 142 1.20 -5.28 26.67
C PHE A 142 1.96 -6.43 26.01
N TYR A 143 1.21 -7.29 25.38
CA TYR A 143 1.72 -8.41 24.60
C TYR A 143 1.90 -8.02 23.14
N TYR A 144 2.44 -8.96 22.38
CA TYR A 144 2.89 -8.76 21.03
C TYR A 144 1.80 -8.12 20.23
N ASN A 145 0.68 -8.83 20.08
CA ASN A 145 -0.42 -8.41 19.24
C ASN A 145 -1.40 -7.42 19.96
N HIS A 146 -1.48 -7.45 21.30
CA HIS A 146 -2.65 -6.88 22.01
C HIS A 146 -2.35 -6.62 23.47
N ASP A 147 -3.20 -5.88 24.14
CA ASP A 147 -3.02 -5.63 25.55
C ASP A 147 -4.26 -6.15 26.30
N ASP A 148 -4.05 -6.60 27.53
CA ASP A 148 -5.12 -7.14 28.37
C ASP A 148 -5.14 -6.46 29.73
N TYR A 149 -6.32 -6.52 30.31
CA TYR A 149 -6.55 -6.18 31.71
C TYR A 149 -6.86 -7.46 32.41
N GLU A 150 -6.26 -7.62 33.59
CA GLU A 150 -6.43 -8.83 34.33
C GLU A 150 -6.49 -8.51 35.81
N ILE A 151 -7.27 -9.30 36.56
CA ILE A 151 -7.25 -9.22 38.00
C ILE A 151 -6.78 -10.54 38.51
N GLU A 152 -5.79 -10.50 39.39
CA GLU A 152 -5.29 -11.66 40.04
C GLU A 152 -5.41 -11.53 41.52
N PHE A 153 -5.44 -12.68 42.16
CA PHE A 153 -5.59 -12.81 43.58
C PHE A 153 -4.68 -13.96 44.04
N GLU A 154 -3.68 -13.61 44.85
CA GLU A 154 -2.65 -14.52 45.34
C GLU A 154 -2.93 -14.74 46.83
N VAL A 155 -3.17 -15.99 47.18
CA VAL A 155 -3.54 -16.36 48.53
C VAL A 155 -2.78 -17.57 48.98
N GLN A 156 -2.80 -17.83 50.27
CA GLN A 156 -2.20 -19.03 50.81
CA GLN A 156 -2.19 -19.06 50.78
C GLN A 156 -3.25 -20.14 51.14
N ASP A 157 -4.51 -19.77 51.35
CA ASP A 157 -5.60 -20.78 51.58
C ASP A 157 -6.53 -20.92 50.36
N GLU A 158 -6.43 -22.05 49.68
CA GLU A 158 -7.12 -22.27 48.41
CA GLU A 158 -7.11 -22.25 48.40
C GLU A 158 -8.63 -22.13 48.50
N GLU A 159 -9.22 -22.86 49.44
CA GLU A 159 -10.68 -22.91 49.60
C GLU A 159 -11.31 -21.51 49.86
N THR A 160 -10.79 -20.79 50.84
CA THR A 160 -11.41 -19.53 51.22
C THR A 160 -11.03 -18.52 50.20
N GLY A 161 -9.85 -18.68 49.61
CA GLY A 161 -9.31 -17.68 48.67
C GLY A 161 -10.17 -17.66 47.43
N LYS A 162 -10.45 -18.88 46.95
CA LYS A 162 -11.31 -19.05 45.80
C LYS A 162 -12.71 -18.51 46.00
N ALA A 163 -13.32 -18.81 47.14
CA ALA A 163 -14.67 -18.32 47.42
C ALA A 163 -14.60 -16.78 47.53
N ALA A 164 -13.53 -16.25 48.08
CA ALA A 164 -13.44 -14.80 48.23
C ALA A 164 -13.33 -14.09 46.85
N PHE A 165 -12.48 -14.62 45.98
CA PHE A 165 -12.32 -14.05 44.68
C PHE A 165 -13.63 -14.10 43.90
N ILE A 166 -14.27 -15.26 43.89
CA ILE A 166 -15.56 -15.43 43.20
C ILE A 166 -16.64 -14.48 43.74
N HIS A 167 -16.67 -14.28 45.04
CA HIS A 167 -17.65 -13.36 45.56
C HIS A 167 -17.30 -11.95 45.18
N LEU A 168 -16.01 -11.63 45.06
CA LEU A 168 -15.69 -10.23 44.66
C LEU A 168 -16.16 -9.95 43.20
N LEU A 169 -15.93 -10.95 42.35
CA LEU A 169 -16.34 -10.83 40.98
C LEU A 169 -17.86 -10.71 40.83
N LYS A 170 -18.60 -11.58 41.51
CA LYS A 170 -20.05 -11.48 41.45
CA LYS A 170 -20.08 -11.50 41.52
C LYS A 170 -20.54 -10.12 41.99
N GLN A 171 -19.97 -9.65 43.11
CA GLN A 171 -20.27 -8.35 43.68
C GLN A 171 -20.21 -7.22 42.64
N HIS A 172 -19.29 -7.35 41.67
CA HIS A 172 -19.10 -6.33 40.68
C HIS A 172 -19.60 -6.71 39.29
N ASN A 173 -20.34 -7.81 39.21
CA ASN A 173 -20.93 -8.26 37.97
C ASN A 173 -19.91 -8.59 36.88
N ILE A 174 -18.80 -9.19 37.28
CA ILE A 174 -17.75 -9.54 36.36
C ILE A 174 -17.85 -11.01 36.17
N PRO A 175 -18.09 -11.46 34.95
CA PRO A 175 -18.19 -12.88 34.76
C PRO A 175 -16.83 -13.55 34.84
N ILE A 176 -16.85 -14.82 35.22
CA ILE A 176 -15.69 -15.65 35.24
C ILE A 176 -15.16 -15.88 33.81
N ARG A 177 -13.94 -15.43 33.56
CA ARG A 177 -13.21 -15.68 32.32
C ARG A 177 -11.78 -16.16 32.72
N HIS A 178 -11.51 -17.45 32.55
CA HIS A 178 -10.26 -18.09 33.06
C HIS A 178 -8.96 -17.80 32.26
N ALA B 3 17.34 -0.11 1.36
CA ALA B 3 17.14 0.49 2.72
C ALA B 3 15.65 0.49 3.07
N THR B 5 11.54 -0.24 1.74
CA THR B 5 10.58 -0.78 0.77
C THR B 5 9.16 -0.78 1.35
N GLN B 6 8.15 -0.91 0.49
CA GLN B 6 6.81 -1.04 0.91
C GLN B 6 6.22 -2.15 0.09
N GLU B 7 5.15 -2.71 0.60
CA GLU B 7 4.49 -3.78 -0.10
C GLU B 7 3.12 -4.00 0.49
N ILE B 8 2.25 -4.52 -0.32
CA ILE B 8 0.96 -4.94 0.15
C ILE B 8 1.16 -6.42 0.35
N GLU B 9 0.87 -6.88 1.55
CA GLU B 9 1.02 -8.29 1.91
C GLU B 9 -0.34 -8.91 2.15
N ILE B 10 -0.62 -9.97 1.44
CA ILE B 10 -1.86 -10.72 1.63
C ILE B 10 -1.47 -12.06 2.21
N GLU B 11 -1.82 -12.25 3.48
CA GLU B 11 -1.36 -13.39 4.26
C GLU B 11 -2.47 -13.98 5.12
N PHE B 12 -2.86 -15.24 4.84
CA PHE B 12 -3.82 -15.92 5.70
C PHE B 12 -3.03 -16.60 6.84
N LYS B 13 -3.60 -16.66 8.04
CA LYS B 13 -2.98 -17.37 9.18
C LYS B 13 -3.93 -18.36 9.80
N ASN B 14 -3.43 -19.51 10.25
CA ASN B 14 -4.24 -20.44 11.06
C ASN B 14 -3.47 -20.97 12.22
N ILE B 15 -4.03 -20.91 13.41
CA ILE B 15 -3.40 -21.57 14.59
C ILE B 15 -3.48 -23.10 14.45
N VAL B 16 -2.43 -23.81 14.83
CA VAL B 16 -2.46 -25.26 14.84
C VAL B 16 -1.89 -25.79 16.14
N THR B 17 -2.17 -27.04 16.44
CA THR B 17 -1.65 -27.64 17.66
C THR B 17 -0.22 -28.09 17.38
N GLU B 18 0.50 -28.49 18.41
CA GLU B 18 1.85 -28.99 18.21
C GLU B 18 1.84 -30.24 17.37
N GLU B 19 0.83 -31.12 17.54
CA GLU B 19 0.79 -32.35 16.75
C GLU B 19 0.57 -32.02 15.31
N GLU B 20 -0.42 -31.19 15.06
CA GLU B 20 -0.67 -30.76 13.68
C GLU B 20 0.55 -30.15 13.00
N PHE B 21 1.29 -29.36 13.77
CA PHE B 21 2.44 -28.69 13.26
C PHE B 21 3.54 -29.66 12.81
N HIS B 22 3.91 -30.59 13.67
CA HIS B 22 4.99 -31.50 13.39
C HIS B 22 4.61 -32.34 12.20
N ALA B 23 3.35 -32.81 12.15
CA ALA B 23 2.90 -33.64 11.01
C ALA B 23 2.94 -32.90 9.68
N LEU B 24 2.49 -31.64 9.72
CA LEU B 24 2.48 -30.80 8.53
C LEU B 24 3.91 -30.47 8.05
N CYS B 25 4.83 -30.24 9.00
CA CYS B 25 6.22 -30.07 8.67
C CYS B 25 6.75 -31.37 8.00
N LYS B 26 6.44 -32.53 8.56
CA LYS B 26 7.03 -33.73 7.96
C LYS B 26 6.50 -33.89 6.56
N SER B 27 5.21 -33.62 6.43
CA SER B 27 4.49 -33.70 5.17
C SER B 27 5.18 -32.92 4.05
N PHE B 28 5.64 -31.72 4.40
CA PHE B 28 6.33 -30.78 3.52
C PHE B 28 7.87 -30.89 3.52
N SER B 29 8.44 -31.86 4.25
CA SER B 29 9.90 -32.05 4.44
C SER B 29 10.58 -30.78 4.96
N ILE B 30 9.88 -30.08 5.84
CA ILE B 30 10.40 -28.88 6.47
C ILE B 30 11.32 -29.31 7.59
N GLU B 31 12.61 -29.03 7.47
CA GLU B 31 13.64 -29.40 8.47
CA GLU B 31 13.44 -29.36 8.61
C GLU B 31 14.30 -28.18 9.14
N VAL B 32 14.65 -27.20 8.35
CA VAL B 32 15.48 -26.13 8.90
C VAL B 32 14.66 -24.88 9.16
N PHE B 33 14.79 -24.36 10.36
CA PHE B 33 14.06 -23.18 10.81
C PHE B 33 15.04 -22.02 11.01
N THR B 34 14.54 -20.79 10.85
CA THR B 34 15.34 -19.61 11.02
C THR B 34 14.77 -18.75 12.11
N LYS B 35 15.65 -18.34 13.03
CA LYS B 35 15.22 -17.61 14.18
C LYS B 35 15.07 -16.16 13.87
N GLN B 36 14.03 -15.54 14.42
CA GLN B 36 13.99 -14.10 14.47
C GLN B 36 13.42 -13.61 15.76
N VAL B 37 13.71 -12.36 16.10
CA VAL B 37 13.25 -11.75 17.31
C VAL B 37 12.58 -10.45 16.91
N ASN B 38 11.34 -10.26 17.34
CA ASN B 38 10.63 -9.07 17.06
C ASN B 38 10.48 -8.27 18.33
N HIS B 39 10.83 -7.01 18.23
CA HIS B 39 10.78 -6.04 19.29
C HIS B 39 9.68 -5.05 19.03
N TYR B 40 8.65 -5.07 19.86
CA TYR B 40 7.41 -4.36 19.52
C TYR B 40 7.18 -3.12 20.34
N PHE B 41 6.48 -2.19 19.72
CA PHE B 41 6.28 -0.83 20.28
C PHE B 41 4.77 -0.53 20.31
N GLU B 42 4.33 0.25 21.27
CA GLU B 42 2.93 0.62 21.34
C GLU B 42 2.82 1.84 22.25
N THR B 43 1.71 2.56 22.21
CA THR B 43 1.53 3.68 23.16
C THR B 43 0.77 3.16 24.35
N PRO B 44 0.76 3.93 25.46
CA PRO B 44 -0.06 3.45 26.60
C PRO B 44 -1.54 3.29 26.29
N ASN B 45 -2.04 4.02 25.31
CA ASN B 45 -3.42 3.91 24.94
C ASN B 45 -3.71 2.94 23.83
N SER B 46 -2.70 2.15 23.46
CA SER B 46 -2.87 1.14 22.42
C SER B 46 -3.27 1.71 21.09
N SER B 47 -2.71 2.87 20.81
CA SER B 47 -3.02 3.56 19.57
C SER B 47 -2.77 2.72 18.34
N LEU B 48 -1.63 2.03 18.27
CA LEU B 48 -1.37 1.18 17.07
C LEU B 48 -2.44 0.15 16.92
N LYS B 49 -2.69 -0.61 17.97
CA LYS B 49 -3.68 -1.66 17.90
C LYS B 49 -5.10 -1.08 17.54
N GLU B 50 -5.46 0.08 18.10
CA GLU B 50 -6.75 0.65 17.78
CA GLU B 50 -6.68 0.83 17.77
C GLU B 50 -6.80 0.99 16.26
N ALA B 51 -5.66 1.26 15.62
CA ALA B 51 -5.64 1.57 14.20
C ALA B 51 -5.28 0.39 13.37
N GLY B 52 -5.53 -0.82 13.85
CA GLY B 52 -5.33 -2.00 13.02
C GLY B 52 -3.85 -2.25 12.67
N SER B 53 -2.93 -1.63 13.41
CA SER B 53 -1.50 -1.59 13.01
C SER B 53 -0.52 -2.16 14.03
N ALA B 54 0.75 -2.21 13.65
CA ALA B 54 1.80 -2.82 14.47
C ALA B 54 3.14 -2.19 14.06
N LEU B 55 4.03 -2.02 15.03
CA LEU B 55 5.29 -1.42 14.81
C LEU B 55 6.28 -2.23 15.56
N ARG B 56 7.28 -2.74 14.83
CA ARG B 56 8.19 -3.72 15.35
C ARG B 56 9.58 -3.52 14.70
N ILE B 57 10.63 -3.85 15.43
CA ILE B 57 11.96 -3.99 14.90
C ILE B 57 12.24 -5.49 14.82
N ARG B 58 12.42 -6.00 13.63
CA ARG B 58 12.78 -7.39 13.45
C ARG B 58 14.29 -7.54 13.38
N HIS B 59 14.86 -8.38 14.26
CA HIS B 59 16.22 -8.78 14.23
C HIS B 59 16.27 -10.22 13.67
N LYS B 60 16.79 -10.37 12.48
CA LYS B 60 16.97 -11.70 11.88
C LYS B 60 18.36 -11.77 11.28
N GLY B 61 19.08 -12.87 11.52
CA GLY B 61 20.55 -12.92 11.22
C GLY B 61 21.21 -11.64 11.79
N GLU B 62 21.95 -10.93 10.94
CA GLU B 62 22.63 -9.70 11.34
C GLU B 62 21.85 -8.46 10.95
N THR B 63 20.59 -8.60 10.59
CA THR B 63 19.86 -7.51 9.97
C THR B 63 18.76 -7.08 10.97
N TYR B 64 18.56 -5.79 11.05
CA TYR B 64 17.46 -5.15 11.78
C TYR B 64 16.57 -4.37 10.84
N THR B 65 15.25 -4.63 10.88
CA THR B 65 14.31 -3.92 10.00
C THR B 65 13.20 -3.32 10.87
N LEU B 66 13.01 -2.01 10.79
CA LEU B 66 11.87 -1.35 11.43
C LEU B 66 10.70 -1.53 10.45
N THR B 67 9.58 -2.04 10.95
CA THR B 67 8.44 -2.32 10.11
C THR B 67 7.16 -1.84 10.74
N LEU B 68 6.36 -1.17 9.92
CA LEU B 68 5.03 -0.74 10.27
C LEU B 68 4.09 -1.55 9.36
N LYS B 69 3.17 -2.27 9.97
CA LYS B 69 2.03 -2.83 9.25
C LYS B 69 0.80 -2.04 9.55
N GLN B 70 0.02 -1.70 8.51
CA GLN B 70 -1.26 -0.97 8.67
C GLN B 70 -2.33 -1.51 7.74
N PRO B 71 -3.61 -1.23 8.04
CA PRO B 71 -4.66 -1.72 7.14
C PRO B 71 -4.52 -1.16 5.71
N ALA B 72 -4.75 -2.02 4.72
CA ALA B 72 -4.99 -1.59 3.32
C ALA B 72 -6.35 -2.12 2.90
N GLU B 73 -6.78 -1.84 1.67
CA GLU B 73 -8.07 -2.35 1.22
C GLU B 73 -7.98 -3.82 1.10
N VAL B 74 -6.82 -4.34 0.76
CA VAL B 74 -6.64 -5.78 0.84
C VAL B 74 -5.32 -6.13 1.55
N GLY B 75 -5.37 -7.11 2.43
CA GLY B 75 -4.36 -7.33 3.45
C GLY B 75 -3.84 -6.05 4.10
N LEU B 76 -2.51 -5.96 4.13
CA LEU B 76 -1.86 -4.94 4.88
C LEU B 76 -0.85 -4.23 4.04
N LEU B 77 -0.67 -2.96 4.31
CA LEU B 77 0.42 -2.21 3.75
C LEU B 77 1.58 -2.26 4.73
N GLU B 78 2.70 -2.82 4.30
CA GLU B 78 3.92 -2.86 5.12
C GLU B 78 4.94 -1.89 4.64
N THR B 79 5.52 -1.16 5.59
CA THR B 79 6.63 -0.28 5.27
C THR B 79 7.85 -0.75 6.08
N HIS B 80 8.95 -1.08 5.40
CA HIS B 80 10.13 -1.64 6.03
C HIS B 80 11.29 -0.65 5.84
N GLN B 81 12.07 -0.47 6.88
CA GLN B 81 13.22 0.38 6.85
C GLN B 81 14.38 -0.32 7.53
N VAL B 82 15.42 -0.66 6.75
CA VAL B 82 16.60 -1.28 7.29
C VAL B 82 17.27 -0.24 8.16
N VAL B 83 17.65 -0.65 9.37
CA VAL B 83 18.36 0.13 10.32
C VAL B 83 19.57 -0.60 10.85
N THR B 84 20.46 0.18 11.45
CA THR B 84 21.70 -0.40 12.01
C THR B 84 21.35 -0.99 13.39
N GLU B 85 22.23 -1.85 13.88
CA GLU B 85 22.07 -2.34 15.23
C GLU B 85 22.00 -1.17 16.24
N ASN B 86 22.91 -0.22 16.16
CA ASN B 86 22.87 0.97 17.09
CA ASN B 86 22.88 0.96 17.03
C ASN B 86 21.61 1.80 16.99
N GLU B 87 21.05 1.95 15.79
CA GLU B 87 19.80 2.62 15.63
C GLU B 87 18.70 1.85 16.32
N ALA B 88 18.68 0.53 16.12
CA ALA B 88 17.76 -0.34 16.83
C ALA B 88 17.80 -0.17 18.33
N LYS B 89 18.99 -0.22 18.91
CA LYS B 89 19.14 -0.08 20.37
C LYS B 89 18.72 1.28 20.87
N GLU B 93 16.10 1.90 23.78
CA GLU B 93 16.46 2.56 25.02
C GLU B 93 15.83 3.96 25.17
N THR B 94 15.47 4.64 24.08
CA THR B 94 15.07 6.04 24.23
C THR B 94 13.61 6.24 23.84
N ASN B 95 13.08 5.22 23.16
CA ASN B 95 11.73 5.23 22.64
C ASN B 95 11.53 6.27 21.55
N VAL B 96 12.60 6.81 20.97
CA VAL B 96 12.46 7.74 19.85
C VAL B 96 12.58 6.98 18.55
N ILE B 97 11.57 7.05 17.70
CA ILE B 97 11.60 6.41 16.44
C ILE B 97 12.38 7.28 15.47
N ILE B 98 13.26 6.61 14.71
CA ILE B 98 14.12 7.23 13.74
C ILE B 98 13.23 7.77 12.60
N SER B 99 13.68 8.82 11.95
CA SER B 99 12.92 9.43 10.86
C SER B 99 13.03 8.62 9.58
N GLY B 100 12.18 8.94 8.61
CA GLY B 100 12.18 8.14 7.41
C GLY B 100 10.79 7.65 7.07
N ALA B 101 10.71 6.58 6.29
CA ALA B 101 9.45 6.21 5.70
C ALA B 101 8.43 5.71 6.73
N VAL B 102 8.91 4.95 7.70
CA VAL B 102 8.00 4.43 8.75
C VAL B 102 7.45 5.60 9.55
N ASN B 104 7.08 8.54 8.51
CA ASN B 104 6.19 9.35 7.68
C ASN B 104 4.85 8.72 7.68
N GLN B 105 4.83 7.38 7.52
CA GLN B 105 3.57 6.66 7.54
C GLN B 105 2.89 6.77 8.89
N LEU B 106 3.66 6.78 9.98
CA LEU B 106 3.06 6.82 11.31
C LEU B 106 2.34 8.15 11.51
N CYS B 107 2.93 9.20 10.99
CA CYS B 107 2.36 10.55 11.12
C CYS B 107 1.03 10.67 10.31
N LYS B 108 0.97 10.01 9.17
CA LYS B 108 -0.24 9.98 8.35
C LYS B 108 -1.35 9.17 9.00
N LEU B 109 -0.98 8.10 9.74
CA LEU B 109 -1.95 7.38 10.54
C LEU B 109 -2.45 8.18 11.74
N GLN B 110 -1.76 9.25 12.08
CA GLN B 110 -2.11 10.08 13.22
C GLN B 110 -1.85 9.44 14.59
N ILE B 111 -0.85 8.57 14.64
CA ILE B 111 -0.38 7.99 15.89
C ILE B 111 0.31 9.13 16.66
N PRO B 112 0.05 9.24 17.98
CA PRO B 112 0.85 10.16 18.79
C PRO B 112 2.20 9.50 18.98
N VAL B 113 3.07 9.74 18.01
CA VAL B 113 4.35 9.13 17.92
C VAL B 113 5.21 9.37 19.13
N SER B 114 5.05 10.51 19.81
CA SER B 114 5.93 10.77 20.97
C SER B 114 5.57 9.92 22.19
N ALA B 115 4.38 9.34 22.20
CA ALA B 115 3.95 8.42 23.25
C ALA B 115 4.41 6.95 22.98
N LEU B 116 4.90 6.65 21.81
CA LEU B 116 5.33 5.26 21.54
C LEU B 116 6.42 4.78 22.46
N THR B 117 6.30 3.58 23.01
CA THR B 117 7.34 3.08 23.89
C THR B 117 7.66 1.64 23.49
N TYR B 118 8.91 1.25 23.74
CA TYR B 118 9.33 -0.12 23.61
C TYR B 118 8.63 -1.00 24.66
N GLY B 120 8.19 -4.79 24.40
CA GLY B 120 8.62 -6.15 24.61
C GLY B 120 9.15 -6.80 23.37
N SER B 121 9.40 -8.08 23.50
CA SER B 121 9.99 -8.84 22.44
C SER B 121 9.50 -10.26 22.42
N LEU B 122 9.66 -10.93 21.28
CA LEU B 122 9.21 -12.30 21.09
C LEU B 122 10.16 -13.04 20.10
N THR B 123 10.46 -14.29 20.36
CA THR B 123 11.27 -15.12 19.44
C THR B 123 10.35 -16.04 18.66
N THR B 124 10.51 -16.03 17.33
CA THR B 124 9.84 -16.86 16.42
C THR B 124 10.87 -17.70 15.65
N GLU B 125 10.59 -18.97 15.50
CA GLU B 125 11.31 -19.83 14.61
C GLU B 125 10.42 -20.03 13.39
N ARG B 126 10.99 -19.85 12.20
CA ARG B 126 10.23 -19.82 10.97
C ARG B 126 10.90 -20.63 9.85
N ALA B 127 10.07 -21.39 9.16
CA ALA B 127 10.44 -22.05 7.94
C ALA B 127 9.43 -21.68 6.85
N GLU B 128 9.93 -21.70 5.62
CA GLU B 128 9.13 -21.42 4.44
C GLU B 128 9.29 -22.45 3.30
N THR B 129 8.25 -22.48 2.47
CA THR B 129 8.31 -23.20 1.22
C THR B 129 7.26 -22.63 0.27
N LEU B 130 7.59 -22.66 -1.03
CA LEU B 130 6.70 -22.24 -2.07
C LEU B 130 5.64 -23.31 -2.26
N PHE B 131 4.42 -22.90 -2.52
CA PHE B 131 3.31 -23.84 -2.62
C PHE B 131 2.19 -23.16 -3.39
N GLU B 132 1.83 -23.81 -4.51
CA GLU B 132 0.76 -23.35 -5.39
C GLU B 132 0.78 -21.86 -5.66
N GLY B 133 1.93 -21.34 -6.04
CA GLY B 133 2.08 -19.93 -6.40
C GLY B 133 2.00 -18.98 -5.23
N GLY B 134 2.23 -19.50 -4.03
CA GLY B 134 2.27 -18.67 -2.82
C GLY B 134 3.39 -19.16 -1.93
N THR B 135 3.53 -18.55 -0.76
CA THR B 135 4.56 -19.01 0.18
C THR B 135 3.94 -19.48 1.47
N LEU B 136 4.18 -20.76 1.82
CA LEU B 136 3.63 -21.37 3.06
C LEU B 136 4.64 -21.15 4.19
N VAL B 137 4.18 -20.60 5.29
CA VAL B 137 5.05 -20.22 6.40
C VAL B 137 4.69 -21.04 7.62
N PHE B 138 5.70 -21.63 8.22
CA PHE B 138 5.60 -22.45 9.46
C PHE B 138 6.30 -21.71 10.60
N ASP B 139 5.51 -21.28 11.57
CA ASP B 139 5.95 -20.47 12.66
C ASP B 139 5.71 -21.16 14.01
N HIS B 140 6.71 -21.08 14.86
CA HIS B 140 6.67 -21.50 16.23
C HIS B 140 7.21 -20.31 17.04
N SER B 141 6.31 -19.62 17.73
CA SER B 141 6.65 -18.51 18.57
C SER B 141 6.57 -18.84 20.09
N PHE B 142 7.49 -18.26 20.87
CA PHE B 142 7.63 -18.47 22.30
C PHE B 142 7.16 -17.23 23.02
N TYR B 143 5.91 -17.29 23.47
CA TYR B 143 5.28 -16.17 24.19
C TYR B 143 5.43 -16.38 25.68
N TYR B 144 5.03 -15.37 26.44
CA TYR B 144 5.31 -15.33 27.87
C TYR B 144 4.95 -16.58 28.60
N ASN B 145 3.74 -17.12 28.51
CA ASN B 145 3.65 -18.47 29.14
C ASN B 145 3.03 -19.54 28.29
N HIS B 146 3.28 -19.45 26.98
CA HIS B 146 2.91 -20.51 26.07
C HIS B 146 3.69 -20.45 24.78
N ASP B 147 3.75 -21.56 24.09
CA ASP B 147 4.31 -21.57 22.79
C ASP B 147 3.23 -21.91 21.73
N ASP B 148 3.25 -21.16 20.65
CA ASP B 148 2.15 -20.98 19.67
C ASP B 148 2.66 -21.49 18.33
N TYR B 149 1.89 -22.36 17.69
CA TYR B 149 2.21 -22.83 16.36
C TYR B 149 1.23 -22.26 15.33
N GLU B 150 1.76 -21.77 14.21
CA GLU B 150 0.94 -21.22 13.11
C GLU B 150 1.43 -21.68 11.73
N ILE B 151 0.45 -21.84 10.84
CA ILE B 151 0.67 -21.98 9.43
C ILE B 151 0.09 -20.73 8.78
N GLU B 152 0.89 -20.15 7.92
CA GLU B 152 0.52 -18.94 7.17
C GLU B 152 0.75 -19.14 5.70
N PHE B 153 -0.03 -18.40 4.93
CA PHE B 153 0.06 -18.48 3.49
C PHE B 153 0.03 -17.10 2.89
N GLU B 154 1.17 -16.71 2.29
CA GLU B 154 1.32 -15.40 1.65
C GLU B 154 0.95 -15.54 0.20
N VAL B 155 0.00 -14.74 -0.27
CA VAL B 155 -0.55 -14.93 -1.65
C VAL B 155 -0.51 -13.69 -2.52
N GLN B 156 -0.67 -13.89 -3.83
CA GLN B 156 -0.80 -12.78 -4.76
C GLN B 156 -2.27 -12.41 -4.99
N ASP B 157 -3.18 -13.38 -4.93
CA ASP B 157 -4.61 -13.06 -5.08
C ASP B 157 -5.49 -13.60 -3.93
N GLU B 158 -6.18 -12.65 -3.29
CA GLU B 158 -6.98 -12.91 -2.10
C GLU B 158 -8.00 -14.03 -2.30
N GLU B 159 -8.76 -14.01 -3.40
CA GLU B 159 -9.81 -14.99 -3.65
C GLU B 159 -9.25 -16.40 -3.79
N THR B 160 -8.35 -16.61 -4.73
CA THR B 160 -7.85 -17.95 -5.02
C THR B 160 -6.86 -18.47 -3.95
N GLY B 161 -6.14 -17.54 -3.30
CA GLY B 161 -5.23 -17.89 -2.22
C GLY B 161 -6.01 -18.40 -1.05
N LYS B 162 -7.06 -17.70 -0.69
CA LYS B 162 -8.00 -18.17 0.30
C LYS B 162 -8.41 -19.63 -0.02
N ALA B 163 -8.96 -19.84 -1.18
CA ALA B 163 -9.49 -21.14 -1.51
C ALA B 163 -8.39 -22.20 -1.47
N ALA B 164 -7.16 -21.85 -1.84
CA ALA B 164 -6.10 -22.85 -1.81
C ALA B 164 -5.63 -23.15 -0.35
N PHE B 165 -5.70 -22.14 0.52
CA PHE B 165 -5.35 -22.30 1.96
C PHE B 165 -6.38 -23.16 2.68
N ILE B 166 -7.65 -22.79 2.53
CA ILE B 166 -8.75 -23.59 3.07
C ILE B 166 -8.69 -25.03 2.53
N HIS B 167 -8.39 -25.20 1.26
CA HIS B 167 -8.25 -26.54 0.70
C HIS B 167 -7.10 -27.31 1.36
N LEU B 168 -6.00 -26.64 1.67
CA LEU B 168 -4.85 -27.31 2.28
C LEU B 168 -5.21 -27.80 3.63
N LEU B 169 -5.83 -26.91 4.40
CA LEU B 169 -6.28 -27.18 5.73
C LEU B 169 -7.22 -28.38 5.76
N LYS B 170 -8.14 -28.44 4.79
CA LYS B 170 -9.11 -29.54 4.69
C LYS B 170 -8.41 -30.88 4.45
N GLN B 171 -7.49 -30.90 3.49
CA GLN B 171 -6.70 -32.09 3.22
C GLN B 171 -5.94 -32.61 4.44
N HIS B 172 -5.51 -31.74 5.35
CA HIS B 172 -4.77 -32.20 6.53
C HIS B 172 -5.64 -32.28 7.80
N ASN B 173 -6.96 -32.21 7.61
CA ASN B 173 -7.91 -32.22 8.69
C ASN B 173 -7.56 -31.24 9.81
N ILE B 174 -7.17 -30.04 9.41
CA ILE B 174 -6.84 -28.99 10.35
C ILE B 174 -8.03 -28.03 10.43
N PRO B 175 -8.62 -27.87 11.61
CA PRO B 175 -9.77 -26.95 11.66
C PRO B 175 -9.37 -25.48 11.43
N ILE B 176 -10.26 -24.66 10.85
CA ILE B 176 -10.03 -23.20 10.76
C ILE B 176 -10.02 -22.59 12.16
N ARG B 177 -8.94 -21.91 12.53
CA ARG B 177 -8.81 -21.19 13.82
C ARG B 177 -8.02 -19.92 13.55
N HIS B 178 -8.67 -18.77 13.68
CA HIS B 178 -8.09 -17.46 13.21
C HIS B 178 -7.33 -16.79 14.34
N ALA C 3 -10.58 -10.12 -8.64
CA ALA C 3 -11.64 -9.09 -8.68
C ALA C 3 -10.99 -7.77 -8.25
N THR C 5 -7.41 -5.89 -6.20
CA THR C 5 -6.09 -5.99 -5.65
C THR C 5 -5.44 -4.61 -5.49
N GLN C 6 -4.35 -4.60 -4.72
CA GLN C 6 -3.45 -3.48 -4.56
C GLN C 6 -1.98 -3.96 -4.62
N GLU C 7 -1.09 -3.07 -5.05
CA GLU C 7 0.34 -3.34 -5.13
C GLU C 7 1.08 -2.01 -5.09
N ILE C 8 2.30 -2.09 -4.57
CA ILE C 8 3.24 -1.01 -4.62
C ILE C 8 4.06 -1.31 -5.87
N GLU C 9 4.09 -0.33 -6.77
CA GLU C 9 4.78 -0.46 -8.05
C GLU C 9 5.87 0.63 -8.19
N ILE C 10 7.04 0.21 -8.60
CA ILE C 10 8.09 1.14 -8.97
C ILE C 10 8.33 1.05 -10.50
N GLU C 11 8.29 2.19 -11.20
CA GLU C 11 8.35 2.19 -12.69
C GLU C 11 9.36 3.17 -13.23
N PHE C 12 10.21 2.69 -14.13
CA PHE C 12 11.06 3.55 -14.89
C PHE C 12 10.52 3.63 -16.31
N LYS C 13 10.63 4.81 -16.92
CA LYS C 13 10.13 5.04 -18.29
C LYS C 13 11.14 5.84 -19.07
N ASN C 14 11.38 5.42 -20.30
CA ASN C 14 12.21 6.18 -21.20
C ASN C 14 11.44 6.28 -22.49
N ILE C 15 11.34 7.48 -23.02
CA ILE C 15 10.83 7.72 -24.38
C ILE C 15 11.85 7.28 -25.44
N VAL C 16 11.40 6.61 -26.48
CA VAL C 16 12.35 6.17 -27.52
C VAL C 16 11.83 6.58 -28.89
N THR C 17 12.70 6.56 -29.89
CA THR C 17 12.29 6.80 -31.24
C THR C 17 11.76 5.43 -31.75
N GLU C 18 11.07 5.50 -32.87
CA GLU C 18 10.51 4.37 -33.55
C GLU C 18 11.60 3.35 -33.86
N GLU C 19 12.72 3.86 -34.31
CA GLU C 19 13.88 3.06 -34.68
CA GLU C 19 13.85 3.07 -34.71
C GLU C 19 14.47 2.37 -33.48
N GLU C 20 14.65 3.11 -32.38
CA GLU C 20 15.13 2.48 -31.15
C GLU C 20 14.14 1.41 -30.71
N PHE C 21 12.84 1.72 -30.84
CA PHE C 21 11.80 0.85 -30.38
C PHE C 21 11.83 -0.47 -31.15
N HIS C 22 11.91 -0.39 -32.47
CA HIS C 22 12.03 -1.60 -33.28
C HIS C 22 13.31 -2.39 -32.93
N ALA C 23 14.44 -1.69 -32.75
CA ALA C 23 15.71 -2.30 -32.34
C ALA C 23 15.54 -3.18 -31.12
N LEU C 24 14.96 -2.58 -30.10
CA LEU C 24 14.74 -3.18 -28.82
C LEU C 24 13.74 -4.33 -28.90
N CYS C 25 12.68 -4.15 -29.67
CA CYS C 25 11.73 -5.26 -29.88
C CYS C 25 12.46 -6.43 -30.45
N LYS C 26 13.30 -6.16 -31.43
CA LYS C 26 14.06 -7.20 -32.06
C LYS C 26 14.96 -7.93 -31.04
N SER C 27 15.67 -7.21 -30.17
CA SER C 27 16.65 -7.89 -29.28
C SER C 27 15.98 -8.87 -28.32
N PHE C 28 14.75 -8.53 -27.91
CA PHE C 28 13.92 -9.35 -27.02
C PHE C 28 12.95 -10.25 -27.76
N SER C 29 12.95 -10.17 -29.09
CA SER C 29 12.12 -11.03 -29.89
C SER C 29 10.65 -10.84 -29.48
N ILE C 30 10.20 -9.61 -29.46
CA ILE C 30 8.85 -9.32 -29.05
C ILE C 30 8.01 -9.60 -30.24
N GLU C 31 6.98 -10.42 -30.07
CA GLU C 31 6.13 -10.74 -31.19
CA GLU C 31 6.12 -10.80 -31.19
C GLU C 31 4.77 -10.06 -31.11
N VAL C 32 4.14 -10.15 -29.96
CA VAL C 32 2.74 -9.84 -30.00
C VAL C 32 2.43 -8.63 -29.17
N PHE C 33 1.74 -7.69 -29.80
CA PHE C 33 1.24 -6.53 -29.09
C PHE C 33 -0.23 -6.68 -28.77
N THR C 34 -0.64 -6.23 -27.59
CA THR C 34 -2.04 -6.26 -27.23
C THR C 34 -2.55 -4.85 -27.09
N LYS C 35 -3.69 -4.61 -27.74
CA LYS C 35 -4.35 -3.34 -27.71
C LYS C 35 -5.00 -3.16 -26.36
N GLN C 36 -4.87 -1.96 -25.81
CA GLN C 36 -5.65 -1.55 -24.66
C GLN C 36 -6.06 -0.10 -24.83
N VAL C 37 -7.25 0.23 -24.33
CA VAL C 37 -7.76 1.58 -24.29
C VAL C 37 -7.93 2.04 -22.84
N ASN C 38 -7.32 3.15 -22.49
CA ASN C 38 -7.55 3.71 -21.20
C ASN C 38 -8.51 4.90 -21.24
N HIS C 39 -9.54 4.80 -20.41
CA HIS C 39 -10.57 5.79 -20.30
C HIS C 39 -10.34 6.58 -19.01
N TYR C 40 -9.93 7.84 -19.10
CA TYR C 40 -9.39 8.51 -17.90
C TYR C 40 -10.37 9.53 -17.34
N PHE C 41 -10.30 9.77 -16.03
CA PHE C 41 -11.22 10.68 -15.32
C PHE C 41 -10.43 11.78 -14.55
N GLU C 42 -11.04 12.89 -14.26
CA GLU C 42 -10.40 14.00 -13.57
C GLU C 42 -11.47 15.02 -13.18
N THR C 43 -11.17 15.94 -12.29
CA THR C 43 -12.14 17.00 -11.96
C THR C 43 -11.79 18.21 -12.74
N PRO C 44 -12.74 19.15 -12.85
CA PRO C 44 -12.45 20.45 -13.43
C PRO C 44 -11.16 21.11 -12.94
N ASN C 45 -10.90 20.99 -11.65
CA ASN C 45 -9.73 21.65 -11.06
C ASN C 45 -8.49 20.73 -10.97
N SER C 46 -8.49 19.66 -11.76
CA SER C 46 -7.37 18.74 -11.78
C SER C 46 -6.96 18.19 -10.40
N SER C 47 -7.90 17.90 -9.52
CA SER C 47 -7.56 17.36 -8.21
C SER C 47 -6.62 16.12 -8.24
N LEU C 48 -6.91 15.17 -9.12
CA LEU C 48 -6.13 13.95 -9.15
C LEU C 48 -4.68 14.27 -9.46
N LYS C 49 -4.47 15.06 -10.50
CA LYS C 49 -3.13 15.42 -10.84
C LYS C 49 -2.45 16.21 -9.70
N GLU C 50 -3.16 17.12 -9.05
CA GLU C 50 -2.62 17.84 -7.91
CA GLU C 50 -2.60 17.85 -7.92
C GLU C 50 -2.15 16.86 -6.82
N ALA C 51 -2.84 15.72 -6.73
CA ALA C 51 -2.46 14.63 -5.79
C ALA C 51 -1.45 13.63 -6.35
N GLY C 52 -0.77 13.96 -7.43
CA GLY C 52 0.15 13.00 -8.01
C GLY C 52 -0.55 11.68 -8.39
N SER C 53 -1.87 11.74 -8.57
CA SER C 53 -2.67 10.53 -8.81
C SER C 53 -3.33 10.39 -10.18
N ALA C 54 -3.84 9.21 -10.50
CA ALA C 54 -4.54 9.04 -11.78
C ALA C 54 -5.58 7.92 -11.70
N LEU C 55 -6.73 8.15 -12.33
CA LEU C 55 -7.87 7.27 -12.30
C LEU C 55 -8.30 6.91 -13.70
N ARG C 56 -8.37 5.62 -13.99
CA ARG C 56 -8.71 5.24 -15.33
C ARG C 56 -9.46 3.90 -15.33
N ILE C 57 -10.25 3.66 -16.36
CA ILE C 57 -10.77 2.32 -16.64
C ILE C 57 -10.01 1.79 -17.81
N ARG C 58 -9.32 0.67 -17.62
CA ARG C 58 -8.60 0.01 -18.71
CA ARG C 58 -8.62 0.01 -18.71
C ARG C 58 -9.44 -1.10 -19.36
N HIS C 59 -9.62 -1.02 -20.68
CA HIS C 59 -10.32 -2.04 -21.42
C HIS C 59 -9.30 -2.80 -22.20
N LYS C 60 -9.13 -4.06 -21.83
CA LYS C 60 -8.12 -4.91 -22.46
C LYS C 60 -8.69 -6.30 -22.66
N GLY C 61 -8.65 -6.77 -23.89
CA GLY C 61 -9.35 -8.00 -24.24
C GLY C 61 -10.79 -7.81 -23.90
N GLU C 62 -11.32 -8.69 -23.05
CA GLU C 62 -12.71 -8.57 -22.60
C GLU C 62 -12.81 -7.95 -21.22
N THR C 63 -11.69 -7.55 -20.67
CA THR C 63 -11.60 -7.18 -19.28
C THR C 63 -11.65 -5.67 -19.17
N TYR C 64 -12.43 -5.21 -18.20
CA TYR C 64 -12.51 -3.82 -17.77
C TYR C 64 -12.01 -3.71 -16.33
N THR C 65 -11.01 -2.87 -16.09
CA THR C 65 -10.42 -2.74 -14.79
C THR C 65 -10.40 -1.29 -14.40
N LEU C 66 -11.15 -0.93 -13.38
CA LEU C 66 -10.99 0.36 -12.73
C LEU C 66 -9.68 0.45 -11.89
N THR C 67 -8.82 1.46 -12.15
CA THR C 67 -7.50 1.56 -11.52
C THR C 67 -7.17 2.94 -11.01
N LEU C 68 -6.70 3.00 -9.79
CA LEU C 68 -6.22 4.25 -9.19
C LEU C 68 -4.74 4.15 -8.95
N LYS C 69 -3.98 5.18 -9.35
CA LYS C 69 -2.59 5.25 -9.03
C LYS C 69 -2.38 6.48 -8.20
N GLN C 70 -1.71 6.27 -7.07
CA GLN C 70 -1.43 7.32 -6.13
C GLN C 70 -0.04 7.18 -5.53
N PRO C 71 0.51 8.30 -5.07
CA PRO C 71 1.88 8.22 -4.53
C PRO C 71 1.96 7.36 -3.27
N ALA C 72 3.06 6.64 -3.17
CA ALA C 72 3.48 5.92 -1.95
C ALA C 72 4.86 6.46 -1.53
N GLU C 73 5.44 5.94 -0.44
CA GLU C 73 6.78 6.40 -0.01
C GLU C 73 7.85 6.26 -1.06
N VAL C 74 7.82 5.17 -1.82
CA VAL C 74 8.53 5.15 -3.08
C VAL C 74 7.64 4.52 -4.16
N GLY C 75 7.66 5.09 -5.36
CA GLY C 75 6.85 4.56 -6.46
C GLY C 75 5.40 4.85 -6.13
N LEU C 76 4.53 3.94 -6.51
CA LEU C 76 3.13 4.23 -6.43
C LEU C 76 2.36 3.08 -5.82
N LEU C 77 1.24 3.45 -5.20
CA LEU C 77 0.27 2.50 -4.72
C LEU C 77 -0.83 2.40 -5.77
N GLU C 78 -0.98 1.21 -6.32
CA GLU C 78 -2.03 0.93 -7.31
C GLU C 78 -3.16 0.12 -6.71
N THR C 79 -4.37 0.60 -6.96
CA THR C 79 -5.60 -0.11 -6.59
C THR C 79 -6.38 -0.43 -7.87
N HIS C 80 -6.58 -1.74 -8.12
CA HIS C 80 -7.27 -2.29 -9.29
C HIS C 80 -8.57 -3.01 -8.87
N GLN C 81 -9.67 -2.68 -9.54
CA GLN C 81 -10.99 -3.26 -9.28
C GLN C 81 -11.59 -3.65 -10.64
N VAL C 82 -11.76 -4.95 -10.87
CA VAL C 82 -12.32 -5.41 -12.10
C VAL C 82 -13.78 -5.09 -12.09
N VAL C 83 -14.32 -4.62 -13.22
CA VAL C 83 -15.74 -4.25 -13.27
C VAL C 83 -16.34 -4.80 -14.56
N THR C 84 -17.65 -4.76 -14.67
CA THR C 84 -18.31 -5.31 -15.85
C THR C 84 -18.33 -4.21 -16.90
N GLU C 85 -18.48 -4.64 -18.16
CA GLU C 85 -18.66 -3.70 -19.27
C GLU C 85 -19.75 -2.69 -18.96
N ASN C 86 -20.87 -3.14 -18.44
CA ASN C 86 -21.94 -2.23 -18.11
C ASN C 86 -21.64 -1.27 -17.01
N GLU C 87 -20.90 -1.74 -16.00
CA GLU C 87 -20.42 -0.83 -14.93
C GLU C 87 -19.47 0.17 -15.49
N ALA C 88 -18.58 -0.26 -16.37
CA ALA C 88 -17.66 0.67 -17.01
C ALA C 88 -18.44 1.74 -17.86
N LYS C 89 -19.39 1.30 -18.68
CA LYS C 89 -20.15 2.26 -19.52
C LYS C 89 -20.91 3.23 -18.65
N GLU C 93 -20.75 7.21 -18.72
CA GLU C 93 -21.95 8.01 -19.09
C GLU C 93 -22.54 8.86 -17.99
N THR C 94 -22.28 8.54 -16.73
CA THR C 94 -22.90 9.29 -15.63
C THR C 94 -21.89 9.99 -14.74
N ASN C 95 -20.60 9.81 -15.02
CA ASN C 95 -19.49 10.42 -14.26
C ASN C 95 -19.54 10.08 -12.76
N VAL C 96 -20.27 9.02 -12.42
CA VAL C 96 -20.34 8.45 -11.07
C VAL C 96 -19.45 7.18 -10.92
N ILE C 97 -18.50 7.23 -9.98
CA ILE C 97 -17.57 6.09 -9.73
C ILE C 97 -18.30 5.03 -8.89
N ILE C 98 -18.17 3.77 -9.29
CA ILE C 98 -18.76 2.64 -8.56
C ILE C 98 -18.08 2.49 -7.18
N SER C 99 -18.81 1.97 -6.20
CA SER C 99 -18.21 1.73 -4.87
C SER C 99 -17.22 0.55 -4.83
N GLY C 100 -16.43 0.54 -3.76
CA GLY C 100 -15.43 -0.47 -3.52
C GLY C 100 -14.09 0.16 -3.22
N ALA C 101 -13.05 -0.62 -3.45
CA ALA C 101 -11.69 -0.30 -3.03
C ALA C 101 -11.21 1.04 -3.59
N VAL C 102 -11.45 1.28 -4.89
CA VAL C 102 -11.01 2.48 -5.57
C VAL C 102 -11.68 3.71 -4.98
N ASN C 104 -12.96 3.92 -2.04
CA ASN C 104 -12.43 4.12 -0.68
C ASN C 104 -11.13 4.88 -0.67
N GLN C 105 -10.23 4.50 -1.60
CA GLN C 105 -8.97 5.19 -1.68
C GLN C 105 -9.13 6.63 -2.11
N LEU C 106 -10.08 6.93 -3.00
CA LEU C 106 -10.29 8.33 -3.43
C LEU C 106 -10.78 9.22 -2.28
N CYS C 107 -11.68 8.69 -1.46
CA CYS C 107 -12.20 9.41 -0.29
C CYS C 107 -11.05 9.69 0.73
N LYS C 108 -10.16 8.73 0.89
CA LYS C 108 -9.00 8.91 1.76
C LYS C 108 -8.07 9.94 1.17
N LEU C 109 -7.98 10.00 -0.16
CA LEU C 109 -7.12 10.99 -0.78
C LEU C 109 -7.72 12.39 -0.64
N GLN C 110 -9.02 12.44 -0.32
CA GLN C 110 -9.74 13.70 -0.18
C GLN C 110 -10.00 14.32 -1.56
N ILE C 111 -10.21 13.47 -2.58
CA ILE C 111 -10.65 13.95 -3.90
C ILE C 111 -12.12 14.32 -3.84
N PRO C 112 -12.50 15.55 -4.28
CA PRO C 112 -13.93 15.86 -4.43
C PRO C 112 -14.57 14.93 -5.48
N VAL C 113 -14.99 13.76 -5.01
CA VAL C 113 -15.31 12.65 -5.90
C VAL C 113 -16.49 12.98 -6.78
N SER C 114 -17.47 13.68 -6.22
CA SER C 114 -18.63 14.07 -6.99
C SER C 114 -18.32 14.98 -8.20
N ALA C 115 -17.12 15.56 -8.26
CA ALA C 115 -16.71 16.40 -9.36
C ALA C 115 -15.91 15.60 -10.47
N LEU C 116 -15.49 14.38 -10.18
CA LEU C 116 -14.84 13.51 -11.16
C LEU C 116 -15.69 13.34 -12.40
N THR C 117 -15.09 13.53 -13.57
CA THR C 117 -15.83 13.37 -14.79
C THR C 117 -14.97 12.61 -15.83
N TYR C 118 -15.64 11.82 -16.66
CA TYR C 118 -14.99 11.10 -17.78
C TYR C 118 -14.42 12.09 -18.80
N GLY C 120 -11.50 11.65 -21.08
CA GLY C 120 -11.05 11.20 -22.36
C GLY C 120 -10.51 9.80 -22.43
N SER C 121 -9.98 9.41 -23.59
CA SER C 121 -9.47 8.06 -23.75
C SER C 121 -8.26 8.05 -24.66
N LEU C 122 -7.49 6.99 -24.57
CA LEU C 122 -6.44 6.80 -25.55
C LEU C 122 -6.05 5.36 -25.72
N THR C 123 -5.54 5.01 -26.89
CA THR C 123 -5.19 3.61 -27.22
C THR C 123 -3.70 3.35 -27.12
N THR C 124 -3.32 2.27 -26.45
CA THR C 124 -1.97 1.77 -26.43
C THR C 124 -1.87 0.31 -26.98
N GLU C 125 -0.84 0.05 -27.78
CA GLU C 125 -0.41 -1.30 -28.13
C GLU C 125 0.78 -1.58 -27.25
N ARG C 126 0.65 -2.65 -26.48
CA ARG C 126 1.61 -3.00 -25.48
C ARG C 126 2.11 -4.43 -25.67
N ALA C 127 3.39 -4.62 -25.47
CA ALA C 127 3.95 -5.94 -25.31
C ALA C 127 4.80 -5.87 -24.02
N GLU C 128 5.01 -7.03 -23.37
CA GLU C 128 5.76 -7.11 -22.14
C GLU C 128 6.65 -8.34 -22.16
N THR C 129 7.74 -8.28 -21.40
CA THR C 129 8.51 -9.47 -21.15
C THR C 129 9.20 -9.44 -19.82
N LEU C 130 9.51 -10.60 -19.27
CA LEU C 130 10.22 -10.63 -17.98
C LEU C 130 11.67 -10.24 -18.22
N PHE C 131 12.22 -9.45 -17.31
CA PHE C 131 13.56 -8.96 -17.50
C PHE C 131 14.24 -8.63 -16.18
N GLU C 132 15.34 -9.32 -15.87
CA GLU C 132 16.09 -9.11 -14.61
C GLU C 132 15.15 -9.04 -13.39
N GLY C 133 14.29 -10.04 -13.27
CA GLY C 133 13.31 -10.11 -12.20
C GLY C 133 12.24 -9.03 -12.22
N GLY C 134 12.08 -8.32 -13.34
CA GLY C 134 11.05 -7.29 -13.43
C GLY C 134 10.24 -7.50 -14.70
N THR C 135 9.44 -6.51 -15.06
CA THR C 135 8.63 -6.59 -16.29
C THR C 135 8.97 -5.43 -17.19
N LEU C 136 9.52 -5.76 -18.35
CA LEU C 136 9.84 -4.78 -19.36
C LEU C 136 8.61 -4.61 -20.25
N VAL C 137 8.22 -3.38 -20.47
CA VAL C 137 7.00 -3.01 -21.16
C VAL C 137 7.34 -2.16 -22.36
N PHE C 138 6.80 -2.57 -23.50
CA PHE C 138 7.00 -1.86 -24.76
C PHE C 138 5.68 -1.21 -25.23
N ASP C 139 5.60 0.12 -25.21
CA ASP C 139 4.32 0.84 -25.42
C ASP C 139 4.41 1.75 -26.62
N HIS C 140 3.45 1.57 -27.55
CA HIS C 140 3.21 2.50 -28.62
C HIS C 140 1.82 3.10 -28.38
N SER C 141 1.75 4.35 -27.98
CA SER C 141 0.46 4.97 -27.71
C SER C 141 0.07 6.07 -28.75
N PHE C 142 -1.21 6.13 -29.10
CA PHE C 142 -1.76 7.14 -29.98
C PHE C 142 -2.49 8.28 -29.30
N TYR C 143 -1.79 9.38 -29.13
CA TYR C 143 -2.33 10.56 -28.49
C TYR C 143 -2.97 11.50 -29.53
N TYR C 144 -3.54 12.60 -29.06
CA TYR C 144 -4.41 13.49 -29.83
C TYR C 144 -3.74 13.91 -31.09
N ASN C 145 -2.54 14.47 -30.98
CA ASN C 145 -1.86 14.76 -32.26
C ASN C 145 -0.49 14.17 -32.53
N HIS C 146 -0.11 13.16 -31.75
CA HIS C 146 1.15 12.45 -32.00
C HIS C 146 1.07 11.02 -31.50
N ASP C 147 2.00 10.21 -31.93
CA ASP C 147 2.15 8.90 -31.36
C ASP C 147 3.55 8.81 -30.79
N ASP C 148 3.69 8.11 -29.68
CA ASP C 148 4.99 7.99 -29.02
CA ASP C 148 4.94 8.01 -28.96
C ASP C 148 5.28 6.56 -28.67
N TYR C 149 6.58 6.28 -28.59
CA TYR C 149 7.07 4.97 -28.29
C TYR C 149 7.78 5.09 -26.95
N GLU C 150 7.52 4.11 -26.06
CA GLU C 150 8.03 4.13 -24.70
C GLU C 150 8.38 2.75 -24.19
N ILE C 151 9.48 2.72 -23.45
CA ILE C 151 9.92 1.55 -22.70
CA ILE C 151 9.89 1.54 -22.70
C ILE C 151 9.74 1.85 -21.23
N GLU C 152 9.08 0.94 -20.53
CA GLU C 152 8.93 1.04 -19.11
C GLU C 152 9.46 -0.25 -18.46
N PHE C 153 9.95 -0.10 -17.24
CA PHE C 153 10.46 -1.23 -16.48
C PHE C 153 9.81 -1.21 -15.11
N GLU C 154 9.10 -2.31 -14.82
CA GLU C 154 8.30 -2.47 -13.60
C GLU C 154 9.10 -3.33 -12.63
N VAL C 155 9.47 -2.78 -11.47
CA VAL C 155 10.29 -3.51 -10.51
C VAL C 155 9.72 -3.50 -9.08
N GLN C 156 10.23 -4.44 -8.29
CA GLN C 156 10.06 -4.50 -6.83
C GLN C 156 11.33 -3.97 -6.10
N ASP C 157 12.49 -4.41 -6.57
CA ASP C 157 13.80 -3.94 -6.09
C ASP C 157 14.26 -2.63 -6.84
N GLU C 158 14.27 -1.50 -6.13
CA GLU C 158 14.52 -0.22 -6.79
C GLU C 158 15.97 -0.04 -7.26
N GLU C 159 16.93 -0.21 -6.34
CA GLU C 159 18.33 0.01 -6.68
C GLU C 159 18.80 -0.95 -7.80
N THR C 160 18.46 -2.23 -7.68
CA THR C 160 18.88 -3.23 -8.66
C THR C 160 18.15 -3.10 -9.99
N GLY C 161 16.89 -2.67 -9.96
CA GLY C 161 16.08 -2.53 -11.17
C GLY C 161 16.53 -1.30 -11.95
N LYS C 162 16.83 -0.24 -11.23
CA LYS C 162 17.32 0.95 -11.87
C LYS C 162 18.68 0.70 -12.58
N ALA C 163 19.55 -0.08 -11.96
CA ALA C 163 20.82 -0.37 -12.57
C ALA C 163 20.62 -1.11 -13.90
N ALA C 164 19.73 -2.08 -13.89
CA ALA C 164 19.52 -2.96 -15.02
C ALA C 164 18.93 -2.14 -16.14
N PHE C 165 18.11 -1.14 -15.78
CA PHE C 165 17.47 -0.28 -16.79
C PHE C 165 18.53 0.57 -17.45
N ILE C 166 19.32 1.29 -16.65
CA ILE C 166 20.40 2.12 -17.19
C ILE C 166 21.32 1.27 -18.08
N HIS C 167 21.76 0.12 -17.57
CA HIS C 167 22.59 -0.80 -18.35
C HIS C 167 21.99 -1.19 -19.69
N LEU C 168 20.70 -1.58 -19.68
CA LEU C 168 19.97 -1.89 -20.90
C LEU C 168 20.10 -0.78 -21.91
N LEU C 169 19.75 0.43 -21.49
CA LEU C 169 19.68 1.58 -22.41
C LEU C 169 21.07 1.88 -22.98
N LYS C 170 22.05 1.91 -22.12
CA LYS C 170 23.41 2.18 -22.52
C LYS C 170 23.91 1.06 -23.44
N GLN C 171 23.43 -0.16 -23.29
CA GLN C 171 23.92 -1.27 -24.13
C GLN C 171 23.35 -1.16 -25.54
N HIS C 172 22.21 -0.46 -25.68
CA HIS C 172 21.59 -0.29 -26.97
C HIS C 172 21.79 1.12 -27.52
N ASN C 173 22.71 1.87 -26.91
CA ASN C 173 22.97 3.27 -27.23
C ASN C 173 21.68 4.07 -27.33
N ILE C 174 20.83 3.93 -26.33
CA ILE C 174 19.60 4.70 -26.24
C ILE C 174 19.82 5.67 -25.14
N PRO C 175 19.69 6.95 -25.44
CA PRO C 175 19.90 7.93 -24.38
C PRO C 175 18.75 7.98 -23.38
N ILE C 176 19.01 8.56 -22.21
CA ILE C 176 17.98 8.82 -21.22
C ILE C 176 17.09 9.99 -21.65
N ARG C 177 15.78 9.74 -21.73
CA ARG C 177 14.74 10.79 -21.92
C ARG C 177 13.45 10.51 -21.03
N HIS C 178 13.37 11.19 -19.87
CA HIS C 178 12.23 11.07 -18.93
C HIS C 178 10.93 11.71 -19.47
N THR C 179 9.95 11.89 -18.58
CA THR C 179 8.70 12.64 -18.88
C THR C 179 8.40 13.65 -17.75
N ASN D 2 -25.61 24.67 -44.14
CA ASN D 2 -25.00 23.56 -44.96
C ASN D 2 -24.35 22.50 -44.07
N ALA D 3 -24.73 21.26 -44.35
CA ALA D 3 -24.07 20.09 -43.83
C ALA D 3 -22.55 20.25 -43.81
N THR D 5 -18.85 22.47 -44.96
CA THR D 5 -18.15 23.69 -45.25
C THR D 5 -16.64 23.38 -45.29
N GLN D 6 -15.89 24.25 -45.98
CA GLN D 6 -14.45 24.25 -45.95
C GLN D 6 -14.06 25.69 -45.73
N GLU D 7 -12.87 25.85 -45.18
CA GLU D 7 -12.32 27.15 -44.83
C GLU D 7 -10.78 26.99 -44.69
N ILE D 8 -10.07 28.07 -44.97
CA ILE D 8 -8.65 28.14 -44.65
C ILE D 8 -8.61 28.73 -43.28
N GLU D 9 -7.87 28.10 -42.37
CA GLU D 9 -7.80 28.62 -41.02
C GLU D 9 -6.37 29.02 -40.70
N ILE D 10 -6.23 30.27 -40.27
CA ILE D 10 -4.94 30.79 -39.83
C ILE D 10 -5.06 30.99 -38.33
N GLU D 11 -4.28 30.22 -37.58
CA GLU D 11 -4.41 30.18 -36.10
C GLU D 11 -3.05 30.12 -35.42
N PHE D 12 -2.79 31.04 -34.51
CA PHE D 12 -1.57 30.97 -33.70
C PHE D 12 -1.93 30.45 -32.34
N LYS D 13 -1.00 29.72 -31.71
CA LYS D 13 -1.24 29.14 -30.39
C LYS D 13 -0.03 29.29 -29.52
N ASN D 14 -0.27 29.62 -28.26
CA ASN D 14 0.80 29.74 -27.30
C ASN D 14 0.47 29.03 -25.99
N ILE D 15 1.38 28.19 -25.52
CA ILE D 15 1.20 27.50 -24.25
C ILE D 15 1.30 28.50 -23.10
N VAL D 16 0.53 28.27 -22.05
CA VAL D 16 0.62 29.12 -20.88
C VAL D 16 0.47 28.27 -19.62
N THR D 17 0.77 28.86 -18.46
CA THR D 17 0.61 28.19 -17.17
C THR D 17 -0.70 28.67 -16.62
N GLU D 18 -1.28 27.96 -15.65
CA GLU D 18 -2.59 28.34 -15.16
C GLU D 18 -2.67 29.79 -14.78
N GLU D 19 -1.68 30.25 -14.01
CA GLU D 19 -1.72 31.58 -13.47
C GLU D 19 -1.67 32.58 -14.61
N GLU D 20 -0.88 32.25 -15.64
CA GLU D 20 -0.85 33.06 -16.89
C GLU D 20 -2.24 33.13 -17.58
N PHE D 21 -2.90 31.96 -17.66
CA PHE D 21 -4.24 31.79 -18.24
C PHE D 21 -5.32 32.60 -17.50
N HIS D 22 -5.36 32.43 -16.18
CA HIS D 22 -6.34 33.14 -15.33
C HIS D 22 -6.13 34.65 -15.28
N ALA D 23 -4.91 35.11 -15.59
CA ALA D 23 -4.63 36.55 -15.62
C ALA D 23 -5.06 37.17 -16.94
N LEU D 24 -5.57 36.35 -17.86
CA LEU D 24 -6.09 36.81 -19.15
C LEU D 24 -7.59 36.64 -19.12
N CYS D 25 -8.02 35.42 -18.83
CA CYS D 25 -9.39 35.15 -18.40
C CYS D 25 -10.04 36.36 -17.72
N LYS D 26 -9.48 36.74 -16.57
CA LYS D 26 -9.96 37.91 -15.81
C LYS D 26 -9.67 39.21 -16.55
N SER D 27 -8.41 39.35 -17.00
CA SER D 27 -8.00 40.50 -17.81
C SER D 27 -8.85 40.75 -19.06
N PHE D 28 -9.79 39.85 -19.36
CA PHE D 28 -10.61 39.93 -20.57
C PHE D 28 -12.11 39.76 -20.35
N SER D 29 -12.55 39.73 -19.09
CA SER D 29 -13.95 39.47 -18.76
C SER D 29 -14.41 38.05 -19.20
N ILE D 30 -13.48 37.08 -19.26
CA ILE D 30 -13.80 35.70 -19.73
C ILE D 30 -14.59 34.94 -18.66
N GLU D 31 -15.89 34.83 -18.88
CA GLU D 31 -16.82 34.33 -17.85
C GLU D 31 -17.15 32.86 -18.09
N VAL D 32 -17.62 32.60 -19.31
CA VAL D 32 -18.27 31.34 -19.64
C VAL D 32 -17.36 30.45 -20.52
N PHE D 33 -17.21 29.20 -20.11
CA PHE D 33 -16.48 28.25 -20.92
C PHE D 33 -17.45 27.25 -21.45
N THR D 34 -17.15 26.74 -22.64
CA THR D 34 -17.96 25.71 -23.29
C THR D 34 -17.18 24.41 -23.55
N LYS D 35 -17.83 23.30 -23.24
CA LYS D 35 -17.17 22.02 -23.29
C LYS D 35 -17.23 21.48 -24.71
N GLN D 36 -16.13 20.93 -25.18
CA GLN D 36 -16.19 20.09 -26.32
C GLN D 36 -15.33 18.86 -26.11
N VAL D 37 -15.75 17.77 -26.76
CA VAL D 37 -15.03 16.53 -26.80
C VAL D 37 -14.61 16.23 -28.21
N ASN D 38 -13.33 15.98 -28.41
CA ASN D 38 -12.90 15.57 -29.73
C ASN D 38 -12.53 14.12 -29.72
N HIS D 39 -12.99 13.40 -30.74
CA HIS D 39 -12.76 11.98 -30.92
C HIS D 39 -11.87 11.79 -32.16
N TYR D 40 -10.65 11.29 -31.99
CA TYR D 40 -9.66 11.37 -33.01
C TYR D 40 -9.39 10.02 -33.64
N PHE D 41 -9.01 10.06 -34.91
CA PHE D 41 -8.83 8.85 -35.75
C PHE D 41 -7.43 8.87 -36.34
N GLU D 42 -6.86 7.69 -36.60
CA GLU D 42 -5.49 7.63 -37.11
C GLU D 42 -5.27 6.23 -37.63
N THR D 43 -4.29 6.04 -38.51
CA THR D 43 -3.97 4.70 -38.99
C THR D 43 -2.87 4.15 -38.10
N PRO D 44 -2.69 2.81 -38.10
CA PRO D 44 -1.58 2.22 -37.31
C PRO D 44 -0.21 2.74 -37.70
N ASN D 45 -0.05 3.17 -38.94
CA ASN D 45 1.21 3.74 -39.39
C ASN D 45 1.24 5.25 -39.36
N SER D 46 0.32 5.83 -38.60
CA SER D 46 0.25 7.27 -38.40
C SER D 46 0.31 8.09 -39.71
N SER D 47 -0.48 7.69 -40.69
CA SER D 47 -0.59 8.35 -42.00
C SER D 47 -1.08 9.84 -41.97
N LEU D 48 -2.07 10.14 -41.13
CA LEU D 48 -2.56 11.50 -41.02
C LEU D 48 -1.46 12.40 -40.51
N LYS D 49 -0.85 11.99 -39.40
CA LYS D 49 0.23 12.74 -38.81
C LYS D 49 1.37 12.96 -39.79
N GLU D 50 1.69 11.96 -40.60
CA GLU D 50 2.79 12.08 -41.54
C GLU D 50 2.36 12.96 -42.71
N ALA D 51 1.05 13.13 -42.92
CA ALA D 51 0.56 14.04 -43.96
C ALA D 51 0.23 15.40 -43.39
N GLY D 52 0.76 15.76 -42.23
CA GLY D 52 0.41 17.02 -41.58
C GLY D 52 -1.06 17.24 -41.17
N SER D 53 -1.83 16.17 -41.12
CA SER D 53 -3.28 16.25 -40.99
C SER D 53 -3.89 15.63 -39.71
N ALA D 54 -5.16 15.92 -39.47
CA ALA D 54 -5.90 15.42 -38.33
C ALA D 54 -7.36 15.19 -38.73
N LEU D 55 -7.92 14.11 -38.21
CA LEU D 55 -9.29 13.68 -38.49
C LEU D 55 -9.98 13.39 -37.16
N ARG D 56 -11.06 14.13 -36.93
CA ARG D 56 -11.74 14.13 -35.68
C ARG D 56 -13.24 14.23 -35.84
N ILE D 57 -13.97 13.71 -34.86
CA ILE D 57 -15.38 14.09 -34.67
C ILE D 57 -15.49 14.96 -33.46
N ARG D 58 -15.92 16.21 -33.61
CA ARG D 58 -16.14 17.06 -32.47
C ARG D 58 -17.59 16.98 -31.98
N HIS D 59 -17.79 16.73 -30.68
CA HIS D 59 -19.09 16.85 -30.07
C HIS D 59 -19.10 18.10 -29.22
N LYS D 60 -19.98 19.02 -29.57
CA LYS D 60 -20.07 20.27 -28.81
C LYS D 60 -21.49 20.76 -28.79
N GLY D 61 -22.00 20.98 -27.58
CA GLY D 61 -23.42 21.15 -27.34
C GLY D 61 -24.16 19.89 -27.81
N GLU D 62 -25.02 20.08 -28.80
CA GLU D 62 -25.76 18.98 -29.34
C GLU D 62 -25.34 18.67 -30.79
N THR D 63 -24.19 19.13 -31.23
CA THR D 63 -23.72 18.96 -32.61
C THR D 63 -22.54 18.02 -32.69
N TYR D 64 -22.57 17.03 -33.59
CA TYR D 64 -21.42 16.26 -34.00
C TYR D 64 -20.87 16.71 -35.35
N THR D 65 -19.57 16.99 -35.43
CA THR D 65 -18.94 17.46 -36.67
C THR D 65 -17.74 16.67 -36.97
N LEU D 66 -17.79 16.01 -38.13
CA LEU D 66 -16.61 15.37 -38.68
C LEU D 66 -15.73 16.44 -39.38
N THR D 67 -14.49 16.56 -38.94
CA THR D 67 -13.55 17.47 -39.51
C THR D 67 -12.20 16.86 -39.83
N LEU D 68 -11.71 17.20 -41.02
CA LEU D 68 -10.35 16.94 -41.49
C LEU D 68 -9.64 18.29 -41.52
N LYS D 69 -8.45 18.35 -40.93
CA LYS D 69 -7.51 19.45 -41.10
C LYS D 69 -6.31 18.90 -41.84
N GLN D 70 -5.83 19.68 -42.82
CA GLN D 70 -4.70 19.31 -43.67
C GLN D 70 -3.95 20.58 -44.04
N PRO D 71 -2.67 20.45 -44.41
CA PRO D 71 -1.86 21.62 -44.79
C PRO D 71 -2.41 22.40 -46.00
N ALA D 72 -2.34 23.70 -45.90
CA ALA D 72 -2.63 24.56 -47.04
C ALA D 72 -1.33 25.33 -47.26
N GLU D 73 -1.27 26.18 -48.29
CA GLU D 73 -0.12 27.03 -48.52
C GLU D 73 0.08 27.95 -47.34
N VAL D 74 -1.00 28.47 -46.76
CA VAL D 74 -0.90 29.16 -45.44
C VAL D 74 -1.92 28.55 -44.46
N GLY D 75 -1.56 28.43 -43.19
CA GLY D 75 -2.45 27.81 -42.20
C GLY D 75 -2.89 26.44 -42.66
N LEU D 76 -4.15 26.09 -42.42
CA LEU D 76 -4.63 24.74 -42.75
C LEU D 76 -5.95 24.81 -43.51
N LEU D 77 -6.19 23.86 -44.39
CA LEU D 77 -7.49 23.70 -44.95
C LEU D 77 -8.35 22.72 -44.12
N GLU D 78 -9.52 23.19 -43.69
CA GLU D 78 -10.44 22.35 -42.91
C GLU D 78 -11.71 22.07 -43.67
N THR D 79 -12.13 20.81 -43.61
CA THR D 79 -13.35 20.35 -44.23
C THR D 79 -14.25 19.79 -43.07
N HIS D 80 -15.44 20.41 -42.88
CA HIS D 80 -16.33 20.09 -41.77
C HIS D 80 -17.54 19.46 -42.43
N GLN D 81 -17.99 18.37 -41.83
CA GLN D 81 -19.26 17.72 -42.16
C GLN D 81 -20.06 17.44 -40.85
N VAL D 82 -21.22 18.09 -40.71
CA VAL D 82 -22.13 17.79 -39.61
C VAL D 82 -22.75 16.42 -39.87
N VAL D 83 -22.74 15.57 -38.84
CA VAL D 83 -23.32 14.23 -38.89
C VAL D 83 -24.34 14.01 -37.76
N THR D 84 -25.14 12.97 -37.87
CA THR D 84 -26.01 12.60 -36.80
C THR D 84 -25.19 11.92 -35.66
N GLU D 85 -25.71 12.01 -34.47
CA GLU D 85 -25.15 11.23 -33.33
C GLU D 85 -24.90 9.76 -33.72
N ASN D 86 -25.87 9.11 -34.38
CA ASN D 86 -25.69 7.73 -34.74
C ASN D 86 -24.61 7.51 -35.77
N GLU D 87 -24.45 8.43 -36.73
CA GLU D 87 -23.34 8.33 -37.65
C GLU D 87 -22.03 8.48 -36.91
N ALA D 88 -21.98 9.40 -35.95
CA ALA D 88 -20.77 9.59 -35.19
C ALA D 88 -20.43 8.28 -34.43
N LYS D 89 -21.42 7.71 -33.77
CA LYS D 89 -21.23 6.49 -33.03
C LYS D 89 -20.83 5.30 -33.93
N GLU D 93 -17.50 3.02 -33.63
CA GLU D 93 -17.61 1.57 -33.41
C GLU D 93 -17.10 0.71 -34.55
N THR D 94 -17.23 1.16 -35.79
CA THR D 94 -16.87 0.31 -36.93
C THR D 94 -15.60 0.81 -37.60
N ASN D 95 -15.16 2.02 -37.26
CA ASN D 95 -14.04 2.65 -37.96
C ASN D 95 -14.29 2.88 -39.46
N VAL D 96 -15.51 2.78 -39.95
CA VAL D 96 -15.80 3.14 -41.34
C VAL D 96 -16.17 4.63 -41.39
N ILE D 97 -15.39 5.43 -42.12
CA ILE D 97 -15.71 6.85 -42.31
C ILE D 97 -16.85 7.00 -43.29
N ILE D 98 -17.74 7.93 -42.97
CA ILE D 98 -18.92 8.20 -43.75
C ILE D 98 -18.54 8.91 -45.07
N SER D 99 -19.34 8.77 -46.09
CA SER D 99 -19.09 9.40 -47.37
C SER D 99 -19.47 10.89 -47.33
N GLY D 100 -18.91 11.65 -48.27
CA GLY D 100 -19.11 13.09 -48.37
C GLY D 100 -17.79 13.83 -48.50
N ALA D 101 -17.77 15.07 -48.10
CA ALA D 101 -16.65 15.94 -48.40
C ALA D 101 -15.37 15.47 -47.74
N VAL D 102 -15.46 15.04 -46.49
CA VAL D 102 -14.27 14.68 -45.73
C VAL D 102 -13.62 13.46 -46.40
N ASN D 104 -13.92 12.57 -49.51
CA ASN D 104 -13.34 13.04 -50.77
C ASN D 104 -11.96 13.65 -50.55
N GLN D 105 -11.83 14.52 -49.55
CA GLN D 105 -10.54 15.11 -49.22
C GLN D 105 -9.54 14.05 -48.71
N LEU D 106 -10.02 13.04 -48.00
CA LEU D 106 -9.11 12.04 -47.47
C LEU D 106 -8.54 11.19 -48.62
N CYS D 107 -9.37 10.95 -49.60
CA CYS D 107 -8.97 10.16 -50.77
C CYS D 107 -7.97 10.87 -51.66
N LYS D 108 -8.12 12.17 -51.83
CA LYS D 108 -7.13 13.00 -52.53
C LYS D 108 -5.85 13.11 -51.75
N LEU D 109 -5.94 13.09 -50.43
CA LEU D 109 -4.75 13.07 -49.64
C LEU D 109 -3.96 11.76 -49.71
N GLN D 110 -4.56 10.68 -50.20
CA GLN D 110 -3.88 9.40 -50.31
C GLN D 110 -3.70 8.75 -48.94
N ILE D 111 -4.72 8.92 -48.09
CA ILE D 111 -4.74 8.27 -46.83
C ILE D 111 -5.31 6.88 -47.05
N PRO D 112 -4.71 5.83 -46.45
CA PRO D 112 -5.31 4.50 -46.56
C PRO D 112 -6.56 4.45 -45.69
N VAL D 113 -7.68 4.86 -46.27
CA VAL D 113 -8.88 5.14 -45.48
C VAL D 113 -9.40 3.90 -44.77
N SER D 114 -9.18 2.75 -45.39
CA SER D 114 -9.64 1.46 -44.83
C SER D 114 -8.90 1.11 -43.54
N ALA D 115 -7.78 1.78 -43.26
CA ALA D 115 -7.02 1.56 -42.03
C ALA D 115 -7.31 2.61 -40.89
N LEU D 116 -8.09 3.65 -41.16
CA LEU D 116 -8.41 4.61 -40.11
C LEU D 116 -9.12 3.89 -38.96
N THR D 117 -8.64 4.08 -37.73
CA THR D 117 -9.29 3.54 -36.58
C THR D 117 -9.46 4.65 -35.56
N TYR D 118 -10.51 4.51 -34.76
CA TYR D 118 -10.81 5.44 -33.69
C TYR D 118 -9.81 5.21 -32.61
N GLY D 120 -8.96 7.63 -29.82
CA GLY D 120 -9.10 8.17 -28.48
C GLY D 120 -9.91 9.42 -28.49
N SER D 121 -9.95 10.09 -27.34
CA SER D 121 -10.75 11.30 -27.21
C SER D 121 -10.23 12.23 -26.14
N LEU D 122 -10.51 13.51 -26.24
CA LEU D 122 -10.22 14.44 -25.14
C LEU D 122 -11.22 15.52 -24.97
N THR D 123 -11.23 16.11 -23.80
CA THR D 123 -12.17 17.15 -23.43
C THR D 123 -11.45 18.46 -23.34
N THR D 124 -12.00 19.45 -24.00
CA THR D 124 -11.51 20.78 -23.95
C THR D 124 -12.64 21.67 -23.47
N GLU D 125 -12.32 22.60 -22.55
CA GLU D 125 -13.14 23.74 -22.22
C GLU D 125 -12.57 25.00 -22.92
N ARG D 126 -13.43 25.69 -23.68
CA ARG D 126 -13.01 26.77 -24.55
C ARG D 126 -13.85 28.04 -24.32
N ALA D 127 -13.20 29.18 -24.35
CA ALA D 127 -13.95 30.42 -24.45
C ALA D 127 -13.29 31.28 -25.50
N GLU D 128 -14.12 32.14 -26.09
CA GLU D 128 -13.67 33.08 -27.10
C GLU D 128 -14.13 34.50 -26.75
N THR D 129 -13.35 35.48 -27.21
CA THR D 129 -13.78 36.89 -27.35
C THR D 129 -13.22 37.34 -28.69
N LEU D 130 -13.57 38.54 -29.10
CA LEU D 130 -13.09 39.08 -30.37
C LEU D 130 -12.00 40.08 -30.03
N PHE D 131 -11.08 40.34 -30.96
CA PHE D 131 -9.88 41.12 -30.62
C PHE D 131 -8.98 41.36 -31.85
N GLU D 132 -8.95 42.62 -32.33
CA GLU D 132 -7.95 43.09 -33.32
C GLU D 132 -7.84 42.32 -34.65
N GLY D 133 -8.97 42.17 -35.35
CA GLY D 133 -9.01 41.55 -36.70
C GLY D 133 -9.24 40.04 -36.72
N GLY D 134 -9.44 39.45 -35.53
CA GLY D 134 -9.65 38.00 -35.37
C GLY D 134 -10.30 37.59 -34.05
N THR D 135 -10.24 36.28 -33.78
CA THR D 135 -10.86 35.69 -32.60
C THR D 135 -9.80 35.05 -31.71
N LEU D 136 -9.86 35.43 -30.44
CA LEU D 136 -8.92 34.98 -29.42
C LEU D 136 -9.52 33.87 -28.58
N VAL D 137 -8.83 32.74 -28.54
CA VAL D 137 -9.38 31.51 -28.01
C VAL D 137 -8.63 31.13 -26.78
N PHE D 138 -9.35 30.92 -25.69
CA PHE D 138 -8.80 30.44 -24.42
C PHE D 138 -9.13 28.97 -24.21
N ASP D 139 -8.10 28.14 -24.06
CA ASP D 139 -8.23 26.71 -24.12
CA ASP D 139 -8.24 26.70 -24.09
C ASP D 139 -7.65 25.98 -22.89
N HIS D 140 -8.46 25.16 -22.25
CA HIS D 140 -8.02 24.31 -21.16
C HIS D 140 -8.41 22.88 -21.50
N SER D 141 -7.43 22.06 -21.90
CA SER D 141 -7.68 20.67 -22.33
C SER D 141 -7.10 19.60 -21.36
N PHE D 142 -7.84 18.50 -21.20
CA PHE D 142 -7.57 17.46 -20.22
C PHE D 142 -7.07 16.22 -20.93
N TYR D 143 -5.76 16.12 -21.04
CA TYR D 143 -5.11 14.99 -21.65
C TYR D 143 -4.86 13.92 -20.60
N TYR D 144 -4.45 12.74 -21.10
CA TYR D 144 -4.28 11.55 -20.29
C TYR D 144 -3.68 11.82 -18.89
N ASN D 145 -2.54 12.47 -18.86
CA ASN D 145 -1.77 12.63 -17.61
C ASN D 145 -1.60 14.09 -17.12
N HIS D 146 -2.07 15.04 -17.91
CA HIS D 146 -1.84 16.44 -17.66
C HIS D 146 -2.94 17.25 -18.34
N ASP D 147 -3.23 18.40 -17.74
CA ASP D 147 -4.13 19.31 -18.37
C ASP D 147 -3.36 20.57 -18.79
N ASP D 148 -3.68 21.09 -19.98
CA ASP D 148 -2.90 22.15 -20.62
C ASP D 148 -3.69 23.40 -20.77
N TYR D 149 -3.03 24.53 -20.61
CA TYR D 149 -3.65 25.81 -20.91
C TYR D 149 -2.97 26.38 -22.14
N GLU D 150 -3.77 26.80 -23.13
CA GLU D 150 -3.26 27.61 -24.24
C GLU D 150 -4.20 28.71 -24.70
N ILE D 151 -3.58 29.73 -25.29
CA ILE D 151 -4.22 30.92 -25.81
C ILE D 151 -4.01 30.81 -27.29
N GLU D 152 -5.09 30.96 -28.05
CA GLU D 152 -4.99 30.90 -29.50
C GLU D 152 -5.62 32.12 -30.16
N PHE D 153 -5.16 32.39 -31.36
CA PHE D 153 -5.64 33.53 -32.11
C PHE D 153 -5.87 33.13 -33.54
N GLU D 154 -7.12 33.20 -34.00
CA GLU D 154 -7.42 32.88 -35.40
C GLU D 154 -7.78 34.13 -36.18
N VAL D 155 -7.05 34.32 -37.27
CA VAL D 155 -6.95 35.61 -37.95
C VAL D 155 -7.34 35.47 -39.41
N GLN D 156 -7.57 36.62 -40.06
CA GLN D 156 -7.80 36.66 -41.51
C GLN D 156 -6.54 36.91 -42.36
N ASP D 157 -5.44 37.35 -41.74
CA ASP D 157 -4.22 37.72 -42.48
C ASP D 157 -2.98 37.35 -41.69
N GLU D 158 -2.13 36.50 -42.27
CA GLU D 158 -1.03 35.92 -41.54
C GLU D 158 -0.15 36.95 -40.83
N GLU D 159 0.73 37.62 -41.57
CA GLU D 159 1.79 38.49 -40.99
C GLU D 159 1.20 39.60 -40.11
N THR D 160 0.09 40.19 -40.53
CA THR D 160 -0.65 41.17 -39.73
C THR D 160 -1.08 40.60 -38.39
N GLY D 161 -1.61 39.38 -38.44
CA GLY D 161 -2.10 38.67 -37.26
C GLY D 161 -0.99 38.26 -36.30
N LYS D 162 0.10 37.69 -36.83
CA LYS D 162 1.22 37.28 -36.00
C LYS D 162 1.66 38.38 -35.03
N ALA D 163 2.09 39.51 -35.58
CA ALA D 163 2.60 40.61 -34.77
C ALA D 163 1.56 41.07 -33.76
N ALA D 164 0.30 41.21 -34.19
CA ALA D 164 -0.77 41.64 -33.28
C ALA D 164 -0.89 40.71 -32.08
N PHE D 165 -0.59 39.42 -32.33
CA PHE D 165 -0.62 38.37 -31.32
C PHE D 165 0.62 38.43 -30.45
N ILE D 166 1.79 38.46 -31.09
CA ILE D 166 3.05 38.58 -30.37
C ILE D 166 3.02 39.85 -29.52
N HIS D 167 2.29 40.86 -30.01
CA HIS D 167 2.01 42.07 -29.23
C HIS D 167 1.34 41.71 -27.90
N LEU D 168 0.10 41.24 -27.95
CA LEU D 168 -0.63 40.95 -26.71
C LEU D 168 0.15 40.08 -25.71
N LEU D 169 0.98 39.16 -26.22
CA LEU D 169 1.78 38.26 -25.36
C LEU D 169 2.85 39.01 -24.56
N LYS D 170 3.69 39.75 -25.27
CA LYS D 170 4.65 40.68 -24.67
C LYS D 170 3.95 41.60 -23.65
N GLN D 171 2.83 42.18 -24.06
CA GLN D 171 2.06 43.14 -23.27
C GLN D 171 1.45 42.57 -21.99
N HIS D 172 1.33 41.24 -21.90
CA HIS D 172 1.01 40.56 -20.64
C HIS D 172 2.23 39.84 -20.05
N ASN D 173 3.42 40.24 -20.49
CA ASN D 173 4.64 39.63 -20.05
C ASN D 173 4.54 38.10 -20.10
N ILE D 174 4.25 37.57 -21.29
CA ILE D 174 4.07 36.12 -21.51
C ILE D 174 5.14 35.60 -22.44
N PRO D 175 5.93 34.62 -21.98
CA PRO D 175 6.91 34.00 -22.87
C PRO D 175 6.26 33.33 -24.07
N ILE D 176 6.73 33.66 -25.27
CA ILE D 176 6.46 32.86 -26.46
C ILE D 176 6.99 31.46 -26.16
N ARG D 177 6.39 30.44 -26.79
CA ARG D 177 6.59 29.06 -26.36
C ARG D 177 6.27 28.12 -27.50
#